data_5KKY
#
_entry.id   5KKY
#
_cell.length_a   75.325
_cell.length_b   77.054
_cell.length_c   85.810
_cell.angle_alpha   90.000
_cell.angle_beta   98.520
_cell.angle_gamma   90.000
#
_symmetry.space_group_name_H-M   'P 1 21 1'
#
loop_
_entity.id
_entity.type
_entity.pdbx_description
1 polymer 'Sialidase A'
2 non-polymer '5-acetamido-2,6-anhydro-3,5,9-trideoxy-9-triazan-1-yl-D-glycero-D-galacto-non-2-enonic acid'
3 non-polymer 'CHLORIDE ION'
4 water water
#
_entity_poly.entity_id   1
_entity_poly.type   'polypeptide(L)'
_entity_poly.pdbx_seq_one_letter_code
;MGSSHHHHHHSSGLVPRGSHMPEGAALTEKTDIFESGRNGNPNKDGIKSYRIPALLKTDKGTLIAGADERRLHSSDWGDI
GMVIRRSEDNGKTWGDRVTITNLRDNPKASDPSIGSPVNIDMVLVQDPETKRIFSIYDMFPEGKGIFGMSSQKEEAYKKI
DGKTYQILYREGEKGAYTIRENGTVYTPDGKATDYRVVVDPVKPAYSDKGDLYKGDQLLGNIYFTTNKTSPFRIAKDSYL
WMSYSDDDGKTWSAPQDITPMVKADWMKFLGVGPGTGIVLRNGPHKGRILIPVYTTNNVSHLDGSQSSRVIYSDDHGKTW
HAGEAVNDNRQVDGQKIHSSTMNNRRAQNTESTVVQLNNGDVKLFMRGLTGDLQVATSKDGGVTWEKDIKRYPQVKDVYV
QMSAIHTMHEGKEYIILSNAGGPKRENGMVHLARVEENGELTWLKHNPIQKGEFAYNSLQELGNGEYGILYEHTEKGQNA
YTLSFRKFNWEFLSKN
;
_entity_poly.pdbx_strand_id   A,B
#
loop_
_chem_comp.id
_chem_comp.type
_chem_comp.name
_chem_comp.formula
6UD D-saccharide '5-acetamido-2,6-anhydro-3,5,9-trideoxy-9-triazan-1-yl-D-glycero-D-galacto-non-2-enonic acid' 'C11 H20 N4 O7'
CL non-polymer 'CHLORIDE ION' 'Cl -1'
#
# COMPACT_ATOMS: atom_id res chain seq x y z
N ALA A 26 29.25 42.75 2.80
CA ALA A 26 29.41 41.30 2.61
C ALA A 26 28.16 40.54 3.04
N LEU A 27 27.48 41.08 4.04
CA LEU A 27 26.24 40.52 4.54
C LEU A 27 25.30 41.63 4.92
N THR A 28 24.18 41.76 4.21
CA THR A 28 23.24 42.85 4.48
C THR A 28 22.56 42.69 5.83
N GLU A 29 21.87 43.75 6.23
CA GLU A 29 21.07 43.71 7.44
C GLU A 29 19.77 43.03 7.09
N LYS A 30 19.06 42.52 8.10
CA LYS A 30 17.84 41.80 7.80
C LYS A 30 16.68 42.73 7.47
N THR A 31 15.92 42.33 6.46
CA THR A 31 14.64 42.93 6.12
C THR A 31 13.53 41.94 6.47
N ASP A 32 12.51 42.41 7.15
CA ASP A 32 11.45 41.51 7.58
C ASP A 32 10.39 41.37 6.50
N ILE A 33 10.16 40.13 6.06
CA ILE A 33 9.22 39.86 4.99
C ILE A 33 7.84 39.45 5.48
N PHE A 34 7.80 38.58 6.49
CA PHE A 34 6.54 38.21 7.13
C PHE A 34 6.74 38.35 8.63
N GLU A 35 6.03 39.30 9.23
CA GLU A 35 6.25 39.65 10.62
C GLU A 35 5.17 39.13 11.56
N SER A 36 5.60 38.34 12.54
CA SER A 36 4.69 37.73 13.50
C SER A 36 4.33 38.74 14.58
N GLY A 37 3.33 38.42 15.39
CA GLY A 37 2.96 39.27 16.51
C GLY A 37 3.95 39.17 17.66
N ARG A 38 3.66 39.88 18.76
CA ARG A 38 4.51 39.91 19.94
C ARG A 38 3.78 39.44 21.19
N ASN A 39 4.54 38.82 22.09
CA ASN A 39 4.06 38.45 23.42
C ASN A 39 2.77 37.63 23.40
N GLY A 40 2.62 36.77 22.39
CA GLY A 40 1.49 35.88 22.30
C GLY A 40 0.30 36.51 21.65
N ASN A 41 0.46 37.75 21.19
CA ASN A 41 -0.61 38.47 20.53
C ASN A 41 -0.62 38.41 19.00
N PRO A 42 -1.79 38.61 18.38
CA PRO A 42 -1.80 38.74 16.92
C PRO A 42 -1.08 40.02 16.49
N ASN A 43 -0.57 40.05 15.26
CA ASN A 43 -0.01 41.28 14.72
C ASN A 43 -1.10 42.20 14.22
N LYS A 44 -0.73 43.33 13.63
CA LYS A 44 -1.68 44.32 13.16
C LYS A 44 -2.65 43.73 12.12
N ASP A 45 -2.23 42.66 11.44
CA ASP A 45 -3.10 41.99 10.45
C ASP A 45 -3.92 40.85 11.04
N GLY A 46 -3.81 40.63 12.35
CA GLY A 46 -4.52 39.53 13.00
C GLY A 46 -3.80 38.18 12.95
N ILE A 47 -2.51 38.19 12.58
CA ILE A 47 -1.73 36.97 12.49
C ILE A 47 -0.76 36.81 13.66
N LYS A 48 -0.89 35.72 14.40
CA LYS A 48 0.04 35.51 15.50
C LYS A 48 1.42 35.09 14.97
N SER A 49 1.43 34.27 13.92
CA SER A 49 2.66 33.56 13.60
C SER A 49 2.94 33.39 12.10
N TYR A 50 4.21 33.51 11.73
CA TYR A 50 4.65 33.07 10.41
C TYR A 50 5.71 31.99 10.56
N ARG A 51 5.69 31.01 9.66
CA ARG A 51 6.66 29.92 9.69
C ARG A 51 6.91 29.36 8.30
N ILE A 52 7.94 28.52 8.21
CA ILE A 52 8.25 27.69 7.04
C ILE A 52 8.53 28.48 5.75
N PRO A 53 9.66 29.19 5.69
CA PRO A 53 9.99 30.04 4.55
C PRO A 53 10.36 29.26 3.29
N ALA A 54 10.05 29.86 2.14
CA ALA A 54 10.52 29.33 0.87
C ALA A 54 10.84 30.49 -0.05
N LEU A 55 11.98 30.40 -0.72
CA LEU A 55 12.47 31.51 -1.52
C LEU A 55 12.77 31.08 -2.95
N LEU A 56 12.28 31.85 -3.90
CA LEU A 56 12.45 31.47 -5.30
C LEU A 56 12.84 32.66 -6.16
N LYS A 57 13.92 32.50 -6.92
CA LYS A 57 14.27 33.43 -7.99
C LYS A 57 13.67 32.95 -9.31
N THR A 58 12.87 33.78 -9.97
CA THR A 58 12.21 33.38 -11.23
C THR A 58 12.95 33.76 -12.51
N ASP A 59 12.46 33.23 -13.62
CA ASP A 59 13.03 33.50 -14.94
C ASP A 59 13.06 35.00 -15.28
N LYS A 60 12.22 35.78 -14.60
CA LYS A 60 12.14 37.20 -14.86
C LYS A 60 13.01 37.97 -13.86
N GLY A 61 13.77 37.27 -13.03
CA GLY A 61 14.58 37.92 -12.02
C GLY A 61 13.84 38.19 -10.71
N THR A 62 12.55 37.88 -10.69
CA THR A 62 11.68 38.13 -9.53
C THR A 62 12.05 37.25 -8.33
N LEU A 63 11.92 37.81 -7.12
CA LEU A 63 12.03 37.00 -5.91
C LEU A 63 10.66 36.68 -5.37
N ILE A 64 10.42 35.39 -5.14
CA ILE A 64 9.17 34.99 -4.52
C ILE A 64 9.44 34.39 -3.14
N ALA A 65 8.84 35.00 -2.12
CA ALA A 65 9.00 34.55 -0.74
C ALA A 65 7.70 33.96 -0.24
N GLY A 66 7.75 32.67 0.11
CA GLY A 66 6.56 31.96 0.57
C GLY A 66 6.62 31.60 2.04
N ALA A 67 5.44 31.47 2.64
CA ALA A 67 5.33 31.21 4.07
C ALA A 67 3.99 30.56 4.41
N ASP A 68 3.97 29.90 5.56
CA ASP A 68 2.74 29.55 6.28
C ASP A 68 2.28 30.81 6.98
N GLU A 69 1.05 31.25 6.72
CA GLU A 69 0.47 32.31 7.53
C GLU A 69 -0.36 31.72 8.67
N ARG A 70 0.21 31.68 9.87
CA ARG A 70 -0.41 30.96 10.98
C ARG A 70 -1.19 31.89 11.92
N ARG A 71 -2.48 32.04 11.65
CA ARG A 71 -3.29 33.08 12.25
C ARG A 71 -3.43 32.97 13.77
N LEU A 72 -3.87 31.81 14.25
CA LEU A 72 -4.28 31.68 15.65
C LEU A 72 -3.16 31.40 16.65
N HIS A 73 -2.04 30.83 16.20
CA HIS A 73 -0.95 30.41 17.08
C HIS A 73 0.20 29.82 16.25
N SER A 74 1.25 29.38 16.92
CA SER A 74 2.47 28.94 16.23
C SER A 74 2.52 27.45 15.95
N SER A 75 1.55 26.70 16.45
CA SER A 75 1.60 25.25 16.33
C SER A 75 1.36 24.70 14.93
N ASP A 76 1.67 23.42 14.75
CA ASP A 76 1.62 22.78 13.46
C ASP A 76 0.23 22.30 13.05
N TRP A 77 -0.74 23.20 13.16
CA TRP A 77 -2.12 22.95 12.74
C TRP A 77 -2.89 24.26 12.89
N GLY A 78 -4.19 24.23 12.63
CA GLY A 78 -5.02 25.41 12.81
C GLY A 78 -5.36 26.15 11.54
N ASP A 79 -5.69 27.44 11.66
CA ASP A 79 -6.08 28.24 10.51
C ASP A 79 -4.81 28.77 9.86
N ILE A 80 -4.46 28.18 8.72
CA ILE A 80 -3.18 28.48 8.09
C ILE A 80 -3.32 28.72 6.61
N GLY A 81 -2.84 29.87 6.16
CA GLY A 81 -2.88 30.17 4.73
C GLY A 81 -1.51 30.06 4.07
N MET A 82 -1.51 29.56 2.84
CA MET A 82 -0.28 29.56 2.04
C MET A 82 -0.20 30.90 1.33
N VAL A 83 0.85 31.67 1.65
CA VAL A 83 1.00 33.01 1.13
C VAL A 83 2.36 33.26 0.52
N ILE A 84 2.43 34.22 -0.40
CA ILE A 84 3.72 34.64 -0.94
C ILE A 84 3.86 36.14 -0.97
N ARG A 85 5.10 36.61 -1.11
CA ARG A 85 5.35 38.00 -1.45
C ARG A 85 6.35 38.05 -2.61
N ARG A 86 6.22 39.09 -3.44
CA ARG A 86 7.07 39.28 -4.61
C ARG A 86 8.00 40.50 -4.46
N SER A 87 9.25 40.33 -4.85
CA SER A 87 10.16 41.48 -4.94
C SER A 87 10.69 41.54 -6.37
N GLU A 88 10.64 42.75 -6.95
CA GLU A 88 11.12 42.97 -8.30
C GLU A 88 12.47 43.68 -8.33
N ASP A 89 13.01 43.99 -7.15
CA ASP A 89 14.30 44.68 -7.07
C ASP A 89 15.33 43.86 -6.28
N ASN A 90 15.35 42.56 -6.49
CA ASN A 90 16.33 41.68 -5.85
C ASN A 90 16.35 41.75 -4.32
N GLY A 91 15.19 41.99 -3.71
CA GLY A 91 15.07 41.90 -2.26
C GLY A 91 15.06 43.21 -1.52
N LYS A 92 15.14 44.33 -2.26
CA LYS A 92 15.11 45.64 -1.63
C LYS A 92 13.72 46.00 -1.09
N THR A 93 12.70 45.83 -1.92
CA THR A 93 11.34 46.14 -1.53
C THR A 93 10.41 45.00 -1.90
N TRP A 94 9.35 44.83 -1.11
CA TRP A 94 8.43 43.73 -1.30
C TRP A 94 6.98 44.19 -1.43
N GLY A 95 6.24 43.55 -2.33
CA GLY A 95 4.86 43.91 -2.53
C GLY A 95 3.96 43.39 -1.43
N ASP A 96 2.67 43.42 -1.71
CA ASP A 96 1.69 42.95 -0.76
C ASP A 96 1.66 41.43 -0.69
N ARG A 97 1.16 40.91 0.43
CA ARG A 97 0.92 39.49 0.58
C ARG A 97 -0.07 39.02 -0.46
N VAL A 98 0.26 37.94 -1.14
CA VAL A 98 -0.67 37.28 -2.04
C VAL A 98 -0.99 35.91 -1.46
N THR A 99 -2.27 35.64 -1.25
CA THR A 99 -2.70 34.39 -0.66
C THR A 99 -3.00 33.36 -1.73
N ILE A 100 -2.25 32.27 -1.71
CA ILE A 100 -2.41 31.19 -2.67
C ILE A 100 -3.64 30.35 -2.32
N THR A 101 -3.72 29.96 -1.06
CA THR A 101 -4.78 29.08 -0.59
C THR A 101 -5.05 29.33 0.88
N ASN A 102 -6.32 29.55 1.24
CA ASN A 102 -6.70 29.57 2.64
C ASN A 102 -8.11 29.00 2.88
N LEU A 103 -8.16 27.73 3.28
CA LEU A 103 -9.44 27.07 3.50
C LEU A 103 -10.15 27.74 4.68
N ARG A 104 -11.46 27.88 4.59
CA ARG A 104 -12.18 28.55 5.66
C ARG A 104 -12.27 27.65 6.88
N ASP A 105 -12.30 28.25 8.05
CA ASP A 105 -12.35 27.46 9.28
C ASP A 105 -13.77 26.93 9.50
N ASN A 106 -13.89 25.99 10.42
CA ASN A 106 -15.18 25.45 10.83
C ASN A 106 -15.79 26.41 11.85
N PRO A 107 -16.83 27.15 11.45
CA PRO A 107 -17.39 28.18 12.34
C PRO A 107 -18.02 27.60 13.60
N LYS A 108 -18.41 26.33 13.56
CA LYS A 108 -19.09 25.72 14.69
C LYS A 108 -18.17 24.85 15.54
N ALA A 109 -16.86 24.92 15.31
CA ALA A 109 -15.92 24.10 16.08
C ALA A 109 -15.80 24.59 17.53
N SER A 110 -15.70 23.66 18.47
CA SER A 110 -15.60 23.99 19.91
C SER A 110 -14.32 24.72 20.25
N ASP A 111 -13.24 24.31 19.58
CA ASP A 111 -11.91 24.83 19.85
C ASP A 111 -11.30 25.36 18.55
N PRO A 112 -11.33 26.69 18.38
CA PRO A 112 -10.82 27.36 17.17
C PRO A 112 -9.36 27.03 16.87
N SER A 113 -8.57 26.74 17.90
CA SER A 113 -7.16 26.36 17.73
C SER A 113 -6.92 25.16 16.82
N ILE A 114 -7.88 24.24 16.83
CA ILE A 114 -7.84 23.05 16.01
C ILE A 114 -9.10 22.97 15.16
N GLY A 115 -9.73 24.11 14.92
CA GLY A 115 -11.04 24.12 14.30
C GLY A 115 -11.04 24.42 12.81
N SER A 116 -9.92 24.19 12.15
CA SER A 116 -9.85 24.54 10.74
C SER A 116 -9.19 23.45 9.93
N PRO A 117 -9.70 23.21 8.71
CA PRO A 117 -8.94 22.43 7.74
C PRO A 117 -7.57 23.10 7.58
N VAL A 118 -6.53 22.30 7.33
CA VAL A 118 -5.16 22.78 7.41
C VAL A 118 -4.39 22.68 6.08
N ASN A 119 -3.71 23.78 5.72
CA ASN A 119 -2.60 23.69 4.79
C ASN A 119 -1.35 24.07 5.57
N ILE A 120 -0.23 23.46 5.19
CA ILE A 120 0.99 23.62 5.95
C ILE A 120 2.21 23.06 5.14
N ASP A 121 3.30 23.83 5.15
CA ASP A 121 4.56 23.44 4.50
C ASP A 121 4.50 23.53 2.98
N MET A 122 5.26 24.44 2.39
CA MET A 122 5.30 24.53 0.94
C MET A 122 6.68 24.33 0.35
N VAL A 123 6.68 23.84 -0.88
CA VAL A 123 7.88 23.83 -1.69
C VAL A 123 7.58 24.65 -2.93
N LEU A 124 8.46 25.58 -3.25
CA LEU A 124 8.36 26.36 -4.46
C LEU A 124 9.38 25.87 -5.51
N VAL A 125 9.02 26.01 -6.80
CA VAL A 125 9.92 25.70 -7.89
C VAL A 125 9.33 26.23 -9.21
N GLN A 126 10.19 26.63 -10.14
CA GLN A 126 9.73 27.04 -11.46
C GLN A 126 10.26 26.14 -12.57
N ASP A 127 9.34 25.71 -13.44
CA ASP A 127 9.72 24.97 -14.64
C ASP A 127 10.41 25.98 -15.54
N PRO A 128 11.68 25.73 -15.87
CA PRO A 128 12.46 26.70 -16.63
C PRO A 128 12.03 26.85 -18.09
N GLU A 129 11.27 25.89 -18.61
CA GLU A 129 10.88 25.91 -20.02
C GLU A 129 9.51 26.58 -20.20
N THR A 130 8.52 26.18 -19.40
CA THR A 130 7.16 26.74 -19.50
C THR A 130 6.93 27.95 -18.59
N LYS A 131 7.84 28.17 -17.64
CA LYS A 131 7.77 29.26 -16.67
C LYS A 131 6.68 29.09 -15.61
N ARG A 132 5.92 28.00 -15.67
CA ARG A 132 4.89 27.78 -14.67
C ARG A 132 5.55 27.60 -13.30
N ILE A 133 5.03 28.34 -12.32
CA ILE A 133 5.59 28.28 -10.98
C ILE A 133 4.70 27.43 -10.08
N PHE A 134 5.30 26.50 -9.36
CA PHE A 134 4.51 25.60 -8.55
C PHE A 134 4.66 25.85 -7.06
N SER A 135 3.56 25.73 -6.33
CA SER A 135 3.61 25.69 -4.88
C SER A 135 2.96 24.38 -4.45
N ILE A 136 3.74 23.54 -3.77
CA ILE A 136 3.27 22.22 -3.36
C ILE A 136 3.26 22.10 -1.83
N TYR A 137 2.10 21.73 -1.26
CA TYR A 137 1.92 21.83 0.17
C TYR A 137 0.98 20.78 0.75
N ASP A 138 1.04 20.58 2.06
CA ASP A 138 0.24 19.55 2.74
C ASP A 138 -1.18 20.03 2.95
N MET A 139 -2.11 19.08 2.99
CA MET A 139 -3.47 19.38 3.41
C MET A 139 -4.03 18.33 4.36
N PHE A 140 -4.67 18.81 5.42
CA PHE A 140 -5.42 17.96 6.32
C PHE A 140 -6.80 18.56 6.49
N PRO A 141 -7.82 17.71 6.67
CA PRO A 141 -9.10 18.25 7.12
C PRO A 141 -8.98 18.74 8.56
N GLU A 142 -10.05 19.33 9.09
CA GLU A 142 -10.04 19.90 10.46
C GLU A 142 -9.42 18.98 11.52
N GLY A 143 -8.52 19.54 12.32
CA GLY A 143 -7.84 18.78 13.35
C GLY A 143 -6.44 19.28 13.69
N LYS A 144 -5.65 18.41 14.30
CA LYS A 144 -4.30 18.76 14.71
C LYS A 144 -3.27 18.35 13.68
N GLY A 145 -3.67 18.34 12.40
CA GLY A 145 -2.76 17.98 11.34
C GLY A 145 -2.18 16.61 11.56
N ILE A 146 -0.87 16.49 11.36
CA ILE A 146 -0.20 15.21 11.46
C ILE A 146 -0.28 14.65 12.88
N PHE A 147 -0.54 15.51 13.84
CA PHE A 147 -0.61 15.06 15.24
C PHE A 147 -1.99 14.57 15.64
N GLY A 148 -2.90 14.50 14.68
CA GLY A 148 -4.24 14.03 14.97
C GLY A 148 -4.67 12.97 13.99
N MET A 149 -3.70 12.40 13.29
CA MET A 149 -4.02 11.35 12.34
C MET A 149 -4.41 10.08 13.10
N SER A 150 -5.44 9.41 12.61
CA SER A 150 -5.96 8.21 13.25
C SER A 150 -5.05 6.99 13.10
N SER A 151 -5.31 5.97 13.92
CA SER A 151 -4.53 4.75 13.86
C SER A 151 -5.08 3.89 12.72
N GLN A 152 -6.34 4.13 12.36
CA GLN A 152 -6.91 3.34 11.27
C GLN A 152 -7.01 4.14 9.97
N LYS A 153 -6.64 3.47 8.88
CA LYS A 153 -6.76 4.01 7.54
C LYS A 153 -8.22 4.23 7.11
N GLU A 154 -8.47 5.33 6.41
CA GLU A 154 -9.72 5.52 5.69
C GLU A 154 -9.41 5.70 4.22
N GLU A 155 -9.98 4.87 3.36
CA GLU A 155 -9.78 5.05 1.92
C GLU A 155 -10.18 6.46 1.51
N ALA A 156 -9.32 7.14 0.77
CA ALA A 156 -9.58 8.52 0.35
C ALA A 156 -10.08 8.59 -1.09
N TYR A 157 -9.71 7.60 -1.91
CA TYR A 157 -10.09 7.59 -3.32
C TYR A 157 -10.66 6.25 -3.76
N LYS A 158 -11.35 6.25 -4.89
CA LYS A 158 -11.93 5.04 -5.46
C LYS A 158 -11.82 5.15 -6.96
N LYS A 159 -11.30 4.10 -7.60
CA LYS A 159 -11.23 4.10 -9.07
C LYS A 159 -12.48 3.47 -9.65
N ILE A 160 -13.07 4.17 -10.61
CA ILE A 160 -14.30 3.72 -11.25
C ILE A 160 -14.26 4.01 -12.74
N ASP A 161 -14.40 2.95 -13.53
CA ASP A 161 -14.37 3.02 -14.98
C ASP A 161 -13.18 3.81 -15.47
N GLY A 162 -12.04 3.60 -14.81
CA GLY A 162 -10.79 4.26 -15.20
C GLY A 162 -10.62 5.64 -14.61
N LYS A 163 -11.62 6.09 -13.86
CA LYS A 163 -11.55 7.43 -13.29
C LYS A 163 -11.33 7.32 -11.79
N THR A 164 -10.48 8.19 -11.26
CA THR A 164 -10.25 8.24 -9.82
C THR A 164 -11.07 9.35 -9.18
N TYR A 165 -11.92 9.00 -8.21
CA TYR A 165 -12.73 9.99 -7.52
C TYR A 165 -12.43 10.01 -6.03
N GLN A 166 -12.47 11.20 -5.43
CA GLN A 166 -12.35 11.32 -3.98
C GLN A 166 -13.62 10.79 -3.33
N ILE A 167 -13.45 10.14 -2.18
CA ILE A 167 -14.55 9.50 -1.49
C ILE A 167 -15.13 10.45 -0.47
N LEU A 168 -16.43 10.41 -0.28
CA LEU A 168 -17.06 11.08 0.85
C LEU A 168 -17.69 10.02 1.75
N TYR A 169 -17.67 10.25 3.06
CA TYR A 169 -18.33 9.36 4.00
C TYR A 169 -19.53 10.06 4.63
N ARG A 170 -20.63 9.32 4.75
CA ARG A 170 -21.83 9.88 5.33
C ARG A 170 -22.07 9.25 6.69
N GLU A 171 -22.43 10.10 7.66
CA GLU A 171 -22.75 9.68 9.01
C GLU A 171 -23.70 8.50 9.03
N GLY A 172 -23.27 7.39 9.63
CA GLY A 172 -24.14 6.23 9.77
C GLY A 172 -24.16 5.26 8.61
N GLU A 173 -23.44 5.57 7.54
CA GLU A 173 -23.39 4.68 6.38
C GLU A 173 -21.98 4.16 6.16
N LYS A 174 -21.86 2.86 5.91
CA LYS A 174 -20.55 2.26 5.72
C LYS A 174 -19.98 2.63 4.36
N GLY A 175 -20.86 2.72 3.35
CA GLY A 175 -20.45 2.87 1.96
C GLY A 175 -19.72 4.15 1.56
N ALA A 176 -19.06 4.09 0.41
CA ALA A 176 -18.28 5.22 -0.08
C ALA A 176 -19.03 6.00 -1.12
N TYR A 177 -19.37 7.23 -0.79
CA TYR A 177 -19.93 8.12 -1.78
C TYR A 177 -18.76 8.63 -2.59
N THR A 178 -19.03 9.15 -3.77
CA THR A 178 -17.99 9.74 -4.60
C THR A 178 -18.31 11.15 -5.07
N ILE A 179 -17.24 11.94 -5.20
CA ILE A 179 -17.32 13.25 -5.80
C ILE A 179 -16.89 13.07 -7.24
N ARG A 180 -17.83 13.22 -8.16
CA ARG A 180 -17.50 12.99 -9.57
C ARG A 180 -17.49 14.29 -10.34
N GLU A 181 -17.67 14.17 -11.66
CA GLU A 181 -17.65 15.30 -12.57
C GLU A 181 -18.51 16.45 -12.07
N ASN A 182 -17.96 17.67 -12.15
CA ASN A 182 -18.66 18.90 -11.77
C ASN A 182 -18.98 18.97 -10.29
N GLY A 183 -18.37 18.06 -9.53
CA GLY A 183 -18.49 18.05 -8.08
C GLY A 183 -19.76 17.35 -7.61
N THR A 184 -20.42 16.67 -8.53
CA THR A 184 -21.66 15.96 -8.22
C THR A 184 -21.36 14.76 -7.33
N VAL A 185 -22.12 14.62 -6.25
CA VAL A 185 -21.96 13.52 -5.32
C VAL A 185 -22.75 12.29 -5.76
N TYR A 186 -22.07 11.16 -5.88
CA TYR A 186 -22.74 9.91 -6.21
C TYR A 186 -22.82 8.97 -5.00
N THR A 187 -23.89 8.17 -4.95
CA THR A 187 -24.08 7.16 -3.92
C THR A 187 -23.03 6.05 -4.03
N PRO A 188 -22.91 5.23 -2.98
CA PRO A 188 -22.04 4.07 -3.08
C PRO A 188 -22.44 3.16 -4.24
N ASP A 189 -23.72 3.11 -4.59
CA ASP A 189 -24.10 2.28 -5.73
C ASP A 189 -24.19 3.05 -7.05
N GLY A 190 -23.64 4.26 -7.09
CA GLY A 190 -23.44 4.93 -8.35
C GLY A 190 -24.62 5.76 -8.86
N LYS A 191 -25.44 6.24 -7.94
CA LYS A 191 -26.52 7.11 -8.36
C LYS A 191 -26.27 8.57 -7.99
N ALA A 192 -26.53 9.47 -8.94
CA ALA A 192 -26.34 10.90 -8.73
C ALA A 192 -27.29 11.41 -7.67
N THR A 193 -26.83 12.38 -6.89
CA THR A 193 -27.62 12.92 -5.78
C THR A 193 -27.79 14.42 -5.94
N ASP A 194 -28.53 15.04 -5.02
CA ASP A 194 -28.74 16.50 -5.03
C ASP A 194 -27.56 17.27 -4.45
N TYR A 195 -26.59 16.56 -3.91
CA TYR A 195 -25.49 17.22 -3.25
C TYR A 195 -24.39 17.47 -4.26
N ARG A 196 -23.65 18.56 -4.07
CA ARG A 196 -22.48 18.78 -4.88
C ARG A 196 -21.37 19.42 -4.05
N VAL A 197 -20.14 19.21 -4.49
CA VAL A 197 -18.98 19.79 -3.83
C VAL A 197 -18.40 20.91 -4.69
N VAL A 198 -18.09 22.05 -4.08
CA VAL A 198 -17.34 23.06 -4.80
C VAL A 198 -15.95 22.51 -5.09
N VAL A 199 -15.80 22.02 -6.31
CA VAL A 199 -14.53 21.49 -6.80
C VAL A 199 -13.86 22.50 -7.70
N ASP A 200 -14.59 23.56 -8.04
CA ASP A 200 -14.02 24.68 -8.77
C ASP A 200 -14.26 25.98 -8.00
N PRO A 201 -13.50 26.19 -6.91
CA PRO A 201 -13.67 27.37 -6.03
C PRO A 201 -13.45 28.70 -6.76
N VAL A 202 -14.18 29.74 -6.37
CA VAL A 202 -14.01 31.04 -7.02
C VAL A 202 -13.74 32.20 -6.05
N LYS A 203 -13.99 31.97 -4.76
CA LYS A 203 -13.76 33.02 -3.75
C LYS A 203 -12.28 33.32 -3.56
N PRO A 204 -11.95 34.51 -3.00
CA PRO A 204 -10.54 34.81 -2.74
C PRO A 204 -9.90 33.77 -1.83
N ALA A 205 -8.67 33.36 -2.16
CA ALA A 205 -7.91 32.34 -1.42
C ALA A 205 -8.51 30.96 -1.55
N TYR A 206 -9.50 30.85 -2.42
CA TYR A 206 -10.28 29.63 -2.64
C TYR A 206 -10.95 29.05 -1.39
N SER A 207 -11.31 29.95 -0.46
CA SER A 207 -11.93 29.57 0.81
C SER A 207 -13.27 28.82 0.65
N ASP A 208 -13.79 28.69 -0.56
CA ASP A 208 -15.01 27.92 -0.77
C ASP A 208 -14.73 26.46 -1.16
N LYS A 209 -13.46 26.13 -1.41
CA LYS A 209 -13.12 24.75 -1.76
C LYS A 209 -13.57 23.77 -0.68
N GLY A 210 -14.31 22.78 -1.10
CA GLY A 210 -14.86 21.79 -0.19
C GLY A 210 -16.27 22.08 0.29
N ASP A 211 -16.80 23.27 -0.05
CA ASP A 211 -18.16 23.62 0.37
C ASP A 211 -19.16 22.58 -0.13
N LEU A 212 -20.06 22.16 0.75
CA LEU A 212 -21.04 21.14 0.42
C LEU A 212 -22.40 21.79 0.24
N TYR A 213 -22.95 21.64 -0.96
CA TYR A 213 -24.25 22.19 -1.28
C TYR A 213 -25.28 21.11 -1.53
N LYS A 214 -26.53 21.41 -1.18
CA LYS A 214 -27.67 20.66 -1.70
C LYS A 214 -28.44 21.64 -2.56
N GLY A 215 -28.26 21.55 -3.87
CA GLY A 215 -28.85 22.51 -4.78
C GLY A 215 -28.37 23.94 -4.53
N ASP A 216 -29.27 24.79 -4.05
CA ASP A 216 -28.95 26.19 -3.81
C ASP A 216 -28.34 26.41 -2.44
N GLN A 217 -28.55 25.47 -1.53
CA GLN A 217 -28.20 25.71 -0.15
C GLN A 217 -26.83 25.16 0.30
N LEU A 218 -26.00 26.07 0.82
CA LEU A 218 -24.73 25.72 1.42
C LEU A 218 -25.02 25.05 2.76
N LEU A 219 -24.49 23.85 2.96
CA LEU A 219 -24.82 23.07 4.16
C LEU A 219 -23.62 22.94 5.09
N GLY A 220 -22.42 23.02 4.53
CA GLY A 220 -21.19 22.91 5.30
C GLY A 220 -19.99 22.66 4.41
N ASN A 221 -19.01 21.93 4.92
CA ASN A 221 -17.80 21.70 4.15
C ASN A 221 -17.26 20.30 4.40
N ILE A 222 -16.84 19.64 3.32
CA ILE A 222 -16.38 18.27 3.41
C ILE A 222 -15.07 18.15 4.21
N TYR A 223 -14.40 19.27 4.45
CA TYR A 223 -13.13 19.26 5.19
C TYR A 223 -13.38 19.45 6.68
N PHE A 224 -14.64 19.66 7.06
CA PHE A 224 -15.00 19.80 8.47
C PHE A 224 -15.18 18.42 9.11
N THR A 225 -14.72 18.28 10.35
CA THR A 225 -14.72 17.00 11.06
C THR A 225 -15.55 16.98 12.35
N THR A 226 -15.86 18.16 12.91
CA THR A 226 -16.64 18.24 14.14
C THR A 226 -17.85 19.16 13.97
N ASN A 227 -18.90 18.88 14.74
CA ASN A 227 -20.11 19.69 14.75
C ASN A 227 -20.56 20.03 13.34
N LYS A 228 -20.56 19.02 12.49
CA LYS A 228 -20.81 19.19 11.06
C LYS A 228 -22.25 19.60 10.80
N THR A 229 -22.46 20.43 9.79
CA THR A 229 -23.80 20.83 9.39
C THR A 229 -24.22 20.16 8.08
N SER A 230 -23.27 19.56 7.39
CA SER A 230 -23.57 18.76 6.20
C SER A 230 -23.31 17.29 6.53
N PRO A 231 -23.86 16.38 5.73
CA PRO A 231 -23.71 14.96 6.08
C PRO A 231 -22.40 14.29 5.64
N PHE A 232 -21.52 15.03 4.95
CA PHE A 232 -20.38 14.44 4.25
C PHE A 232 -18.99 14.95 4.66
N ARG A 233 -18.02 14.04 4.72
CA ARG A 233 -16.65 14.41 4.96
C ARG A 233 -15.70 13.52 4.15
N ILE A 234 -14.52 14.04 3.85
CA ILE A 234 -13.52 13.25 3.17
C ILE A 234 -12.90 12.32 4.19
N ALA A 235 -12.06 11.42 3.72
CA ALA A 235 -11.33 10.53 4.61
C ALA A 235 -10.35 11.33 5.45
N LYS A 236 -10.27 11.01 6.74
CA LYS A 236 -9.24 11.59 7.60
C LYS A 236 -7.89 11.02 7.20
N ASP A 237 -7.07 11.82 6.54
CA ASP A 237 -5.78 11.34 6.08
C ASP A 237 -4.87 12.54 5.86
N SER A 238 -3.65 12.26 5.45
CA SER A 238 -2.68 13.27 5.08
C SER A 238 -2.75 13.45 3.56
N TYR A 239 -2.81 14.70 3.09
CA TYR A 239 -2.95 14.97 1.68
C TYR A 239 -1.87 15.91 1.14
N LEU A 240 -1.68 15.86 -0.18
CA LEU A 240 -0.72 16.69 -0.86
C LEU A 240 -1.41 17.51 -1.95
N TRP A 241 -1.27 18.82 -1.87
CA TRP A 241 -1.90 19.72 -2.85
C TRP A 241 -0.92 20.55 -3.65
N MET A 242 -1.36 21.03 -4.81
CA MET A 242 -0.49 21.84 -5.65
C MET A 242 -1.23 23.00 -6.27
N SER A 243 -0.64 24.18 -6.22
CA SER A 243 -1.17 25.34 -6.91
C SER A 243 -0.11 25.92 -7.83
N TYR A 244 -0.52 26.51 -8.95
CA TYR A 244 0.48 27.04 -9.89
C TYR A 244 0.21 28.44 -10.36
N SER A 245 1.27 29.12 -10.79
CA SER A 245 1.15 30.46 -11.31
C SER A 245 1.85 30.59 -12.65
N ASP A 246 1.17 31.19 -13.62
CA ASP A 246 1.76 31.43 -14.94
C ASP A 246 2.07 32.89 -15.16
N ASP A 247 1.97 33.71 -14.12
CA ASP A 247 2.23 35.13 -14.25
C ASP A 247 3.18 35.64 -13.17
N ASP A 248 4.27 34.91 -12.97
CA ASP A 248 5.34 35.34 -12.09
C ASP A 248 4.89 35.42 -10.63
N GLY A 249 3.83 34.67 -10.30
CA GLY A 249 3.38 34.53 -8.94
C GLY A 249 2.33 35.54 -8.49
N LYS A 250 1.80 36.31 -9.43
CA LYS A 250 0.80 37.32 -9.07
C LYS A 250 -0.54 36.67 -8.77
N THR A 251 -0.90 35.68 -9.59
CA THR A 251 -2.12 34.94 -9.38
C THR A 251 -1.88 33.44 -9.41
N TRP A 252 -2.76 32.71 -8.73
CA TRP A 252 -2.54 31.29 -8.56
C TRP A 252 -3.77 30.50 -8.95
N SER A 253 -3.53 29.30 -9.46
CA SER A 253 -4.61 28.39 -9.80
C SER A 253 -5.34 27.98 -8.53
N ALA A 254 -6.52 27.38 -8.72
CA ALA A 254 -7.19 26.68 -7.64
C ALA A 254 -6.31 25.49 -7.25
N PRO A 255 -6.43 25.03 -6.00
CA PRO A 255 -5.64 23.89 -5.55
C PRO A 255 -5.93 22.64 -6.36
N GLN A 256 -4.87 21.91 -6.70
CA GLN A 256 -4.98 20.61 -7.35
C GLN A 256 -4.61 19.54 -6.34
N ASP A 257 -5.41 18.49 -6.29
CA ASP A 257 -5.13 17.39 -5.36
C ASP A 257 -4.28 16.38 -6.07
N ILE A 258 -2.97 16.40 -5.82
CA ILE A 258 -2.07 15.49 -6.49
C ILE A 258 -1.80 14.21 -5.70
N THR A 259 -2.42 14.10 -4.52
CA THR A 259 -2.25 12.94 -3.64
C THR A 259 -2.30 11.55 -4.31
N PRO A 260 -3.36 11.28 -5.12
CA PRO A 260 -3.46 9.91 -5.66
C PRO A 260 -2.38 9.57 -6.70
N MET A 261 -1.64 10.57 -7.16
CA MET A 261 -0.56 10.33 -8.12
C MET A 261 0.68 9.80 -7.44
N VAL A 262 0.84 10.14 -6.16
CA VAL A 262 2.09 9.83 -5.50
C VAL A 262 1.98 9.05 -4.18
N LYS A 263 0.80 9.01 -3.56
CA LYS A 263 0.69 8.39 -2.24
C LYS A 263 0.36 6.90 -2.27
N ALA A 264 1.27 6.07 -1.76
CA ALA A 264 1.04 4.63 -1.71
C ALA A 264 0.00 4.26 -0.67
N ASP A 265 -0.60 3.07 -0.83
CA ASP A 265 -1.66 2.59 0.06
C ASP A 265 -1.18 2.49 1.50
N TRP A 266 0.10 2.17 1.69
CA TRP A 266 0.65 1.95 3.02
C TRP A 266 1.03 3.26 3.70
N MET A 267 1.22 4.31 2.91
CA MET A 267 1.70 5.57 3.44
C MET A 267 0.66 6.17 4.39
N LYS A 268 1.13 6.54 5.57
CA LYS A 268 0.29 7.23 6.54
C LYS A 268 0.41 8.72 6.23
N PHE A 269 1.47 9.34 6.75
CA PHE A 269 1.78 10.73 6.40
C PHE A 269 2.58 10.80 5.10
N LEU A 270 2.24 11.77 4.25
CA LEU A 270 3.09 12.14 3.11
C LEU A 270 3.00 13.64 2.99
N GLY A 271 4.11 14.32 3.25
CA GLY A 271 4.16 15.76 3.15
C GLY A 271 5.47 16.24 2.56
N VAL A 272 5.53 17.51 2.19
CA VAL A 272 6.74 18.06 1.60
C VAL A 272 7.81 18.33 2.64
N GLY A 273 9.05 18.30 2.19
CA GLY A 273 10.17 18.83 2.93
C GLY A 273 10.33 20.26 2.43
N PRO A 274 9.90 21.20 3.25
CA PRO A 274 9.64 22.56 2.75
C PRO A 274 10.89 23.34 2.39
N GLY A 275 10.71 24.35 1.53
CA GLY A 275 11.79 25.14 0.98
C GLY A 275 11.61 25.24 -0.52
N THR A 276 12.70 25.07 -1.26
CA THR A 276 12.69 25.25 -2.71
C THR A 276 13.23 24.02 -3.46
N GLY A 277 12.45 23.48 -4.39
CA GLY A 277 12.89 22.34 -5.18
C GLY A 277 13.77 22.73 -6.37
N ILE A 278 14.14 21.74 -7.18
CA ILE A 278 14.98 21.99 -8.34
C ILE A 278 14.48 21.32 -9.61
N VAL A 279 15.00 21.81 -10.73
CA VAL A 279 14.80 21.14 -12.00
C VAL A 279 16.17 20.63 -12.43
N LEU A 280 16.23 19.37 -12.79
CA LEU A 280 17.50 18.81 -13.20
C LEU A 280 17.99 19.53 -14.46
N ARG A 281 19.23 19.98 -14.41
CA ARG A 281 19.77 20.79 -15.48
C ARG A 281 20.72 20.02 -16.40
N ASN A 282 21.11 18.81 -16.02
CA ASN A 282 21.95 17.98 -16.89
C ASN A 282 21.65 16.48 -16.77
N GLY A 283 22.26 15.69 -17.65
CA GLY A 283 22.07 14.26 -17.64
C GLY A 283 20.84 13.87 -18.46
N PRO A 284 20.54 12.56 -18.48
CA PRO A 284 19.42 12.03 -19.27
C PRO A 284 18.03 12.41 -18.75
N HIS A 285 17.93 12.94 -17.53
CA HIS A 285 16.62 13.33 -16.97
C HIS A 285 16.46 14.84 -16.85
N LYS A 286 17.27 15.58 -17.58
CA LYS A 286 17.18 17.04 -17.63
C LYS A 286 15.74 17.50 -17.93
N GLY A 287 15.26 18.44 -17.12
CA GLY A 287 13.89 18.93 -17.25
C GLY A 287 12.99 18.37 -16.16
N ARG A 288 13.43 17.28 -15.53
CA ARG A 288 12.69 16.69 -14.42
C ARG A 288 12.65 17.62 -13.21
N ILE A 289 11.45 17.85 -12.71
CA ILE A 289 11.25 18.64 -11.51
C ILE A 289 11.32 17.71 -10.29
N LEU A 290 12.12 18.08 -9.29
CA LEU A 290 12.22 17.27 -8.08
C LEU A 290 11.68 18.04 -6.88
N ILE A 291 10.79 17.39 -6.13
CA ILE A 291 10.22 17.94 -4.89
C ILE A 291 10.51 17.04 -3.71
N PRO A 292 11.31 17.52 -2.74
CA PRO A 292 11.58 16.73 -1.52
C PRO A 292 10.30 16.44 -0.76
N VAL A 293 10.13 15.19 -0.30
CA VAL A 293 9.00 14.83 0.55
C VAL A 293 9.48 13.88 1.64
N TYR A 294 8.57 13.51 2.54
CA TYR A 294 8.84 12.41 3.45
C TYR A 294 7.53 11.74 3.92
N THR A 295 7.64 10.50 4.38
CA THR A 295 6.49 9.68 4.76
C THR A 295 6.62 9.08 6.16
N THR A 296 5.51 8.62 6.71
CA THR A 296 5.56 7.67 7.82
C THR A 296 4.75 6.46 7.39
N ASN A 297 4.97 5.34 8.08
CA ASN A 297 4.17 4.14 7.88
C ASN A 297 3.25 3.86 9.07
N ASN A 298 2.49 2.78 8.96
CA ASN A 298 1.51 2.38 9.97
C ASN A 298 2.11 1.56 11.11
N VAL A 299 3.36 1.13 10.96
CA VAL A 299 4.01 0.41 12.02
C VAL A 299 4.48 1.35 13.14
N SER A 300 5.23 2.39 12.80
CA SER A 300 5.83 3.22 13.82
C SER A 300 5.55 4.71 13.68
N HIS A 301 4.90 5.10 12.57
CA HIS A 301 4.49 6.49 12.34
C HIS A 301 5.66 7.46 12.57
N LEU A 302 5.45 8.45 13.44
CA LEU A 302 6.43 9.51 13.70
C LEU A 302 7.58 9.03 14.55
N ASP A 303 7.37 7.89 15.18
CA ASP A 303 8.31 7.40 16.17
C ASP A 303 9.47 6.57 15.62
N GLY A 304 9.32 6.05 14.41
CA GLY A 304 10.38 5.25 13.83
C GLY A 304 10.33 5.03 12.33
N SER A 305 9.51 5.81 11.62
CA SER A 305 9.36 5.57 10.18
C SER A 305 9.56 6.76 9.23
N GLN A 306 9.77 7.96 9.78
CA GLN A 306 10.00 9.14 8.95
C GLN A 306 11.08 8.88 7.90
N SER A 307 10.71 8.97 6.62
CA SER A 307 11.58 8.54 5.51
C SER A 307 11.60 9.51 4.33
N SER A 308 12.75 10.11 4.09
CA SER A 308 12.93 11.06 3.00
C SER A 308 12.84 10.38 1.62
N ARG A 309 12.30 11.10 0.65
CA ARG A 309 12.38 10.70 -0.76
C ARG A 309 12.04 11.92 -1.59
N VAL A 310 11.91 11.76 -2.90
CA VAL A 310 11.35 12.84 -3.73
C VAL A 310 10.19 12.34 -4.54
N ILE A 311 9.32 13.27 -4.92
CA ILE A 311 8.40 13.05 -6.01
C ILE A 311 8.95 13.88 -7.15
N TYR A 312 8.61 13.49 -8.37
CA TYR A 312 9.18 14.16 -9.51
C TYR A 312 8.17 14.28 -10.63
N SER A 313 8.39 15.23 -11.52
CA SER A 313 7.59 15.31 -12.75
C SER A 313 8.47 15.37 -13.98
N ASP A 314 8.15 14.51 -14.95
CA ASP A 314 8.86 14.48 -16.23
C ASP A 314 8.08 15.16 -17.36
N ASP A 315 6.93 15.75 -17.03
CA ASP A 315 6.09 16.38 -18.04
C ASP A 315 5.66 17.78 -17.66
N HIS A 316 6.60 18.56 -17.10
CA HIS A 316 6.37 19.95 -16.74
C HIS A 316 5.25 20.15 -15.72
N GLY A 317 5.12 19.20 -14.80
CA GLY A 317 4.23 19.39 -13.66
C GLY A 317 2.84 18.84 -13.85
N LYS A 318 2.57 18.27 -15.02
CA LYS A 318 1.24 17.74 -15.32
C LYS A 318 0.97 16.48 -14.49
N THR A 319 1.93 15.56 -14.46
CA THR A 319 1.78 14.33 -13.67
C THR A 319 2.95 14.16 -12.69
N TRP A 320 2.69 13.52 -11.55
CA TRP A 320 3.72 13.36 -10.53
C TRP A 320 3.94 11.90 -10.20
N HIS A 321 5.18 11.58 -9.85
CA HIS A 321 5.52 10.21 -9.51
C HIS A 321 6.34 10.20 -8.24
N ALA A 322 6.19 9.15 -7.44
CA ALA A 322 6.98 9.03 -6.24
C ALA A 322 8.25 8.27 -6.59
N GLY A 323 9.39 8.83 -6.22
CA GLY A 323 10.63 8.07 -6.27
C GLY A 323 10.66 7.08 -5.12
N GLU A 324 11.67 6.23 -5.08
CA GLU A 324 11.82 5.29 -3.96
C GLU A 324 12.42 6.03 -2.77
N ALA A 325 12.18 5.49 -1.58
CA ALA A 325 12.74 6.09 -0.37
C ALA A 325 14.23 5.76 -0.24
N VAL A 326 14.97 6.69 0.35
CA VAL A 326 16.36 6.46 0.70
C VAL A 326 16.45 5.20 1.58
N ASN A 327 15.45 5.00 2.43
CA ASN A 327 15.42 3.87 3.36
C ASN A 327 14.95 2.52 2.78
N ASP A 328 14.49 2.51 1.53
CA ASP A 328 14.03 1.25 0.95
C ASP A 328 15.19 0.31 0.63
N ASN A 329 15.14 -0.91 1.20
CA ASN A 329 16.24 -1.87 1.09
C ASN A 329 17.58 -1.32 1.59
N ARG A 330 17.51 -0.38 2.52
CA ARG A 330 18.69 0.16 3.16
C ARG A 330 19.18 -0.79 4.26
N GLN A 331 20.49 -0.95 4.35
CA GLN A 331 21.09 -1.78 5.39
C GLN A 331 21.38 -0.99 6.66
N VAL A 332 20.83 -1.45 7.77
CA VAL A 332 21.03 -0.81 9.07
C VAL A 332 21.38 -1.84 10.12
N ASP A 333 22.59 -1.75 10.66
CA ASP A 333 23.08 -2.66 11.69
C ASP A 333 22.96 -4.11 11.22
N GLY A 334 23.31 -4.36 9.97
CA GLY A 334 23.28 -5.71 9.41
C GLY A 334 21.93 -6.20 8.89
N GLN A 335 20.85 -5.50 9.23
CA GLN A 335 19.53 -5.89 8.70
C GLN A 335 18.87 -4.82 7.83
N LYS A 336 18.16 -5.27 6.82
CA LYS A 336 17.51 -4.36 5.89
C LYS A 336 16.23 -3.81 6.48
N ILE A 337 15.87 -2.59 6.09
CA ILE A 337 14.58 -2.00 6.41
C ILE A 337 13.90 -1.54 5.12
N HIS A 338 12.65 -1.16 5.23
CA HIS A 338 11.90 -0.58 4.13
C HIS A 338 11.05 0.52 4.75
N SER A 339 10.85 1.63 4.04
CA SER A 339 10.13 2.75 4.62
C SER A 339 8.69 2.40 4.98
N SER A 340 8.14 1.36 4.36
CA SER A 340 6.76 0.97 4.67
C SER A 340 6.67 0.11 5.93
N THR A 341 7.79 -0.44 6.37
CA THR A 341 7.72 -1.38 7.49
C THR A 341 8.69 -1.07 8.62
N MET A 342 9.47 0.00 8.50
CA MET A 342 10.54 0.23 9.46
C MET A 342 10.05 0.71 10.82
N ASN A 343 10.83 0.40 11.84
CA ASN A 343 10.61 0.90 13.17
C ASN A 343 11.98 1.09 13.82
N ASN A 344 12.61 2.22 13.49
CA ASN A 344 14.00 2.45 13.85
C ASN A 344 14.26 3.94 13.89
N ARG A 345 14.40 4.46 15.09
CA ARG A 345 14.39 5.89 15.36
C ARG A 345 15.55 6.61 14.68
N ARG A 346 16.76 6.07 14.81
CA ARG A 346 17.95 6.73 14.26
C ARG A 346 18.08 6.58 12.75
N ALA A 347 17.37 5.63 12.17
CA ALA A 347 17.46 5.39 10.74
C ALA A 347 16.47 6.28 9.97
N GLN A 348 15.71 7.08 10.71
CA GLN A 348 14.79 8.04 10.11
C GLN A 348 15.53 9.14 9.38
N ASN A 349 14.87 9.66 8.34
CA ASN A 349 15.30 10.88 7.68
C ASN A 349 14.01 11.58 7.26
N THR A 350 13.95 12.89 7.48
CA THR A 350 12.67 13.55 7.38
C THR A 350 12.64 14.61 6.29
N GLU A 351 12.46 15.88 6.67
CA GLU A 351 12.51 16.96 5.71
C GLU A 351 13.87 16.97 5.04
N SER A 352 13.92 17.33 3.77
CA SER A 352 15.20 17.35 3.07
C SER A 352 15.31 18.45 2.04
N THR A 353 16.53 18.65 1.58
CA THR A 353 16.80 19.63 0.55
C THR A 353 17.62 18.91 -0.52
N VAL A 354 17.39 19.27 -1.79
CA VAL A 354 17.86 18.47 -2.93
C VAL A 354 18.77 19.27 -3.88
N VAL A 355 19.88 18.68 -4.29
CA VAL A 355 20.84 19.35 -5.19
C VAL A 355 21.35 18.43 -6.33
N GLN A 356 21.43 18.95 -7.55
CA GLN A 356 22.11 18.21 -8.61
C GLN A 356 23.51 18.74 -8.88
N LEU A 357 24.47 17.83 -8.98
CA LEU A 357 25.86 18.15 -9.32
C LEU A 357 26.08 18.16 -10.83
N ASN A 358 27.22 18.69 -11.24
CA ASN A 358 27.56 18.77 -12.65
C ASN A 358 27.70 17.37 -13.28
N ASN A 359 28.05 16.38 -12.46
CA ASN A 359 28.22 15.01 -12.95
C ASN A 359 26.91 14.24 -13.13
N GLY A 360 25.80 14.90 -12.81
CA GLY A 360 24.50 14.28 -12.98
C GLY A 360 23.94 13.72 -11.68
N ASP A 361 24.80 13.49 -10.70
CA ASP A 361 24.39 12.95 -9.41
C ASP A 361 23.48 13.89 -8.65
N VAL A 362 22.52 13.32 -7.92
CA VAL A 362 21.64 14.10 -7.08
C VAL A 362 21.97 13.83 -5.60
N LYS A 363 22.13 14.90 -4.84
CA LYS A 363 22.40 14.84 -3.41
C LYS A 363 21.17 15.25 -2.61
N LEU A 364 20.87 14.49 -1.57
CA LEU A 364 19.73 14.77 -0.71
C LEU A 364 20.19 14.94 0.74
N PHE A 365 20.12 16.16 1.24
CA PHE A 365 20.52 16.49 2.60
C PHE A 365 19.29 16.38 3.49
N MET A 366 19.33 15.43 4.40
CA MET A 366 18.13 15.04 5.12
C MET A 366 18.26 15.37 6.58
N ARG A 367 17.24 16.04 7.13
CA ARG A 367 17.13 16.23 8.58
C ARG A 367 17.01 14.88 9.26
N GLY A 368 17.77 14.69 10.33
CA GLY A 368 17.84 13.42 11.03
C GLY A 368 18.22 13.55 12.49
N LEU A 369 18.56 12.42 13.11
CA LEU A 369 18.75 12.38 14.56
C LEU A 369 20.14 11.90 14.97
N THR A 370 21.12 12.07 14.08
CA THR A 370 22.50 11.69 14.36
C THR A 370 23.29 12.86 14.95
N GLY A 371 22.70 14.05 14.94
CA GLY A 371 23.37 15.23 15.45
C GLY A 371 24.23 15.89 14.40
N ASP A 372 24.44 15.23 13.28
CA ASP A 372 25.25 15.79 12.21
C ASP A 372 24.64 15.58 10.83
N LEU A 373 25.27 16.15 9.81
CA LEU A 373 24.67 16.22 8.47
C LEU A 373 24.58 14.88 7.77
N GLN A 374 23.38 14.49 7.36
CA GLN A 374 23.17 13.23 6.64
C GLN A 374 22.84 13.46 5.15
N VAL A 375 23.58 12.79 4.26
CA VAL A 375 23.44 13.02 2.84
C VAL A 375 23.27 11.74 2.02
N ALA A 376 22.22 11.70 1.20
CA ALA A 376 22.01 10.58 0.28
C ALA A 376 22.37 10.95 -1.16
N THR A 377 22.72 9.94 -1.96
CA THR A 377 23.11 10.17 -3.34
C THR A 377 22.31 9.29 -4.27
N SER A 378 21.73 9.91 -5.29
CA SER A 378 21.03 9.20 -6.34
C SER A 378 21.76 9.39 -7.67
N LYS A 379 21.86 8.32 -8.45
CA LYS A 379 22.54 8.39 -9.74
C LYS A 379 21.58 8.25 -10.91
N ASP A 380 20.29 8.09 -10.63
CA ASP A 380 19.32 7.92 -11.69
C ASP A 380 18.27 9.02 -11.66
N GLY A 381 18.69 10.20 -11.21
CA GLY A 381 17.81 11.35 -11.19
C GLY A 381 16.76 11.34 -10.10
N GLY A 382 17.08 10.70 -8.98
CA GLY A 382 16.27 10.80 -7.79
C GLY A 382 15.29 9.67 -7.59
N VAL A 383 15.31 8.69 -8.49
CA VAL A 383 14.40 7.57 -8.40
C VAL A 383 14.84 6.58 -7.32
N THR A 384 16.13 6.25 -7.30
CA THR A 384 16.69 5.41 -6.25
C THR A 384 17.95 6.03 -5.64
N TRP A 385 18.37 5.50 -4.50
CA TRP A 385 19.47 6.05 -3.73
C TRP A 385 20.57 5.02 -3.46
N GLU A 386 21.82 5.46 -3.50
CA GLU A 386 23.00 4.59 -3.29
C GLU A 386 22.97 3.97 -1.90
N LYS A 387 23.72 2.90 -1.72
CA LYS A 387 23.57 2.10 -0.51
C LYS A 387 23.99 2.83 0.77
N ASP A 388 24.96 3.74 0.67
CA ASP A 388 25.52 4.35 1.88
C ASP A 388 25.10 5.80 2.11
N ILE A 389 24.54 6.05 3.28
CA ILE A 389 24.25 7.39 3.75
C ILE A 389 25.48 7.99 4.38
N LYS A 390 26.01 9.02 3.75
CA LYS A 390 27.22 9.66 4.24
C LYS A 390 26.87 10.61 5.37
N ARG A 391 27.68 10.58 6.42
CA ARG A 391 27.53 11.53 7.51
C ARG A 391 28.73 12.48 7.49
N TYR A 392 28.49 13.76 7.75
CA TYR A 392 29.56 14.78 7.81
C TYR A 392 29.50 15.46 9.15
N PRO A 393 30.39 15.05 10.07
CA PRO A 393 30.43 15.57 11.44
C PRO A 393 30.84 17.03 11.53
N GLN A 394 31.36 17.59 10.44
CA GLN A 394 31.76 19.00 10.44
C GLN A 394 30.55 19.95 10.53
N VAL A 395 29.40 19.48 10.05
CA VAL A 395 28.16 20.26 10.06
C VAL A 395 27.14 19.62 10.99
N LYS A 396 26.75 20.37 12.02
CA LYS A 396 25.77 19.93 13.01
C LYS A 396 24.34 19.95 12.49
N ASP A 397 23.56 18.93 12.87
CA ASP A 397 22.12 18.87 12.60
C ASP A 397 21.43 18.73 13.95
N VAL A 398 20.72 19.77 14.39
CA VAL A 398 20.02 19.70 15.68
C VAL A 398 18.57 19.24 15.54
N TYR A 399 18.28 18.55 14.43
CA TYR A 399 16.92 18.08 14.13
C TYR A 399 15.99 19.23 13.75
N VAL A 400 16.22 19.79 12.56
CA VAL A 400 15.49 20.94 12.05
C VAL A 400 15.76 21.07 10.54
N GLN A 401 14.82 21.68 9.81
CA GLN A 401 14.94 21.88 8.37
C GLN A 401 16.25 22.57 7.98
N MET A 402 16.71 22.30 6.76
CA MET A 402 17.88 22.98 6.23
C MET A 402 17.60 23.32 4.78
N SER A 403 18.42 24.15 4.17
CA SER A 403 18.33 24.30 2.73
C SER A 403 19.71 24.24 2.10
N ALA A 404 19.78 23.87 0.83
CA ALA A 404 21.07 23.80 0.16
C ALA A 404 20.96 24.12 -1.32
N ILE A 405 21.97 24.79 -1.85
CA ILE A 405 21.98 25.08 -3.29
C ILE A 405 23.32 24.81 -3.95
N HIS A 406 23.24 24.38 -5.21
CA HIS A 406 24.40 24.25 -6.08
C HIS A 406 24.88 25.63 -6.46
N THR A 407 26.19 25.79 -6.60
CA THR A 407 26.75 27.07 -7.07
C THR A 407 28.13 26.96 -7.75
N MET A 408 28.39 27.86 -8.68
CA MET A 408 29.71 27.96 -9.30
C MET A 408 30.42 29.20 -8.78
N HIS A 409 31.73 29.11 -8.65
CA HIS A 409 32.53 30.29 -8.33
C HIS A 409 33.99 30.14 -8.77
N GLU A 410 34.41 31.08 -9.63
CA GLU A 410 35.75 31.13 -10.21
C GLU A 410 36.17 29.79 -10.82
N GLY A 411 35.23 29.17 -11.53
CA GLY A 411 35.46 27.92 -12.23
C GLY A 411 35.24 26.64 -11.44
N LYS A 412 35.03 26.75 -10.14
CA LYS A 412 34.86 25.58 -9.26
C LYS A 412 33.41 25.36 -8.81
N GLU A 413 33.11 24.12 -8.39
CA GLU A 413 31.77 23.70 -7.99
C GLU A 413 31.60 23.64 -6.48
N TYR A 414 30.52 24.25 -5.97
CA TYR A 414 30.26 24.33 -4.53
C TYR A 414 28.83 24.00 -4.16
N ILE A 415 28.64 23.70 -2.88
CA ILE A 415 27.31 23.65 -2.30
C ILE A 415 27.27 24.60 -1.10
N ILE A 416 26.24 25.43 -1.07
CA ILE A 416 25.98 26.29 0.07
C ILE A 416 24.78 25.72 0.82
N LEU A 417 24.94 25.52 2.12
CA LEU A 417 23.91 24.92 2.96
C LEU A 417 23.76 25.73 4.21
N SER A 418 22.52 26.08 4.55
CA SER A 418 22.24 26.82 5.77
C SER A 418 21.30 26.06 6.73
N ASN A 419 21.59 26.16 8.02
CA ASN A 419 20.74 25.58 9.07
C ASN A 419 21.19 26.08 10.44
N ALA A 420 20.50 25.69 11.51
CA ALA A 420 20.92 26.06 12.86
C ALA A 420 22.26 25.42 13.25
N GLY A 421 23.12 26.19 13.90
CA GLY A 421 24.41 25.70 14.34
C GLY A 421 24.29 25.07 15.70
N GLY A 422 23.22 25.41 16.42
CA GLY A 422 22.96 24.79 17.70
C GLY A 422 23.49 25.55 18.91
N PRO A 423 23.37 24.95 20.11
CA PRO A 423 22.80 23.61 20.36
C PRO A 423 21.28 23.52 20.21
N LYS A 424 20.56 24.63 20.39
CA LYS A 424 19.12 24.65 20.10
C LYS A 424 18.87 25.17 18.69
N ARG A 425 17.63 25.51 18.37
CA ARG A 425 17.34 26.14 17.10
C ARG A 425 17.79 27.60 17.16
N GLU A 426 19.10 27.78 17.12
CA GLU A 426 19.74 29.06 17.33
C GLU A 426 21.05 29.12 16.57
N ASN A 427 21.60 30.33 16.46
CA ASN A 427 22.92 30.52 15.87
C ASN A 427 23.02 29.97 14.42
N GLY A 428 22.33 30.65 13.52
CA GLY A 428 22.30 30.27 12.12
C GLY A 428 23.66 30.23 11.48
N MET A 429 23.85 29.26 10.60
CA MET A 429 25.11 29.08 9.91
C MET A 429 24.87 28.97 8.42
N VAL A 430 25.82 29.48 7.66
CA VAL A 430 25.88 29.17 6.25
C VAL A 430 27.18 28.40 6.03
N HIS A 431 27.05 27.11 5.77
CA HIS A 431 28.21 26.26 5.57
C HIS A 431 28.52 26.22 4.08
N LEU A 432 29.78 25.98 3.74
CA LEU A 432 30.24 25.91 2.35
C LEU A 432 31.03 24.63 2.07
N ALA A 433 30.59 23.89 1.05
CA ALA A 433 31.32 22.68 0.62
C ALA A 433 31.85 22.81 -0.79
N ARG A 434 33.03 22.26 -1.04
CA ARG A 434 33.54 22.17 -2.40
C ARG A 434 33.14 20.79 -2.93
N VAL A 435 32.65 20.75 -4.15
CA VAL A 435 32.29 19.47 -4.75
C VAL A 435 33.51 18.80 -5.41
N GLU A 436 33.97 17.69 -4.83
CA GLU A 436 35.11 16.94 -5.37
C GLU A 436 34.73 16.00 -6.53
N GLU A 437 35.74 15.39 -7.15
CA GLU A 437 35.52 14.59 -8.35
C GLU A 437 34.58 13.40 -8.20
N ASN A 438 34.67 12.68 -7.09
CA ASN A 438 33.81 11.51 -6.93
C ASN A 438 32.38 11.91 -6.59
N GLY A 439 32.17 13.21 -6.40
CA GLY A 439 30.86 13.69 -6.04
C GLY A 439 30.86 13.85 -4.53
N GLU A 440 32.01 13.64 -3.90
CA GLU A 440 32.08 13.80 -2.46
C GLU A 440 32.30 15.25 -2.08
N LEU A 441 32.04 15.56 -0.82
CA LEU A 441 32.06 16.95 -0.38
C LEU A 441 33.16 17.23 0.61
N THR A 442 33.86 18.33 0.40
CA THR A 442 34.84 18.82 1.36
C THR A 442 34.31 20.12 1.94
N TRP A 443 34.09 20.11 3.25
CA TRP A 443 33.60 21.29 3.95
C TRP A 443 34.73 22.26 4.22
N LEU A 444 34.55 23.49 3.73
CA LEU A 444 35.58 24.52 3.80
C LEU A 444 35.30 25.60 4.86
N LYS A 445 34.06 26.09 4.91
CA LYS A 445 33.75 27.26 5.73
C LYS A 445 32.43 27.13 6.47
N HIS A 446 32.36 27.68 7.68
CA HIS A 446 31.14 27.65 8.48
C HIS A 446 30.85 29.04 9.03
N ASN A 447 30.03 29.79 8.30
CA ASN A 447 29.81 31.20 8.59
C ASN A 447 28.49 31.51 9.28
N PRO A 448 28.58 32.00 10.51
CA PRO A 448 27.40 32.44 11.26
C PRO A 448 26.70 33.58 10.54
N ILE A 449 25.38 33.52 10.46
CA ILE A 449 24.60 34.55 9.77
C ILE A 449 23.57 35.20 10.69
N GLN A 450 23.22 34.52 11.78
CA GLN A 450 22.21 35.07 12.70
C GLN A 450 22.29 34.55 14.12
N LYS A 451 22.70 35.39 15.05
CA LYS A 451 22.67 35.04 16.47
C LYS A 451 21.23 35.00 16.98
N GLY A 452 21.03 34.33 18.11
CA GLY A 452 19.70 34.15 18.64
C GLY A 452 18.97 33.03 17.91
N GLU A 453 17.65 33.00 18.04
CA GLU A 453 16.83 31.96 17.45
C GLU A 453 16.98 31.89 15.94
N PHE A 454 17.01 30.67 15.41
CA PHE A 454 17.16 30.47 13.98
C PHE A 454 16.66 29.08 13.63
N ALA A 455 15.74 28.98 12.69
CA ALA A 455 15.20 27.66 12.35
C ALA A 455 15.11 27.39 10.85
N TYR A 456 13.91 27.35 10.31
CA TYR A 456 13.75 27.03 8.89
C TYR A 456 14.28 28.17 8.03
N ASN A 457 14.83 27.81 6.87
CA ASN A 457 15.43 28.79 5.96
C ASN A 457 15.44 28.27 4.54
N SER A 458 15.64 29.18 3.58
CA SER A 458 15.62 28.80 2.18
C SER A 458 16.60 29.65 1.39
N LEU A 459 17.49 29.02 0.63
CA LEU A 459 18.54 29.73 -0.13
C LEU A 459 18.24 29.88 -1.63
N GLN A 460 18.71 30.98 -2.20
CA GLN A 460 18.73 31.15 -3.65
C GLN A 460 19.94 31.96 -4.11
N GLU A 461 20.50 31.54 -5.26
CA GLU A 461 21.48 32.35 -5.98
C GLU A 461 20.74 33.54 -6.52
N LEU A 462 21.30 34.74 -6.33
CA LEU A 462 20.68 35.96 -6.83
C LEU A 462 21.27 36.41 -8.16
N GLY A 463 22.50 35.95 -8.45
CA GLY A 463 23.23 36.42 -9.61
C GLY A 463 24.33 37.39 -9.22
N ASN A 464 25.34 37.48 -10.09
CA ASN A 464 26.46 38.41 -9.92
C ASN A 464 27.23 38.18 -8.62
N GLY A 465 27.43 36.92 -8.26
CA GLY A 465 28.11 36.55 -7.03
C GLY A 465 27.36 36.80 -5.72
N GLU A 466 26.06 37.08 -5.80
CA GLU A 466 25.24 37.32 -4.60
C GLU A 466 24.24 36.19 -4.28
N TYR A 467 23.85 36.08 -3.01
CA TYR A 467 22.98 34.99 -2.55
C TYR A 467 21.88 35.50 -1.63
N GLY A 468 20.73 34.83 -1.68
CA GLY A 468 19.62 35.23 -0.85
C GLY A 468 19.23 34.16 0.15
N ILE A 469 18.73 34.59 1.30
CA ILE A 469 18.24 33.68 2.30
C ILE A 469 17.02 34.27 3.02
N LEU A 470 15.97 33.46 3.10
CA LEU A 470 14.78 33.80 3.85
C LEU A 470 14.70 32.81 5.00
N TYR A 471 14.61 33.31 6.22
CA TYR A 471 14.78 32.45 7.39
C TYR A 471 13.97 32.87 8.61
N GLU A 472 13.70 31.90 9.49
CA GLU A 472 12.96 32.10 10.74
C GLU A 472 13.85 32.61 11.86
N HIS A 473 13.35 33.59 12.60
CA HIS A 473 14.10 34.18 13.71
C HIS A 473 13.17 35.01 14.60
N THR A 474 13.52 35.16 15.88
CA THR A 474 12.81 36.08 16.76
C THR A 474 13.75 37.00 17.54
N GLU A 475 13.30 38.23 17.73
CA GLU A 475 13.91 39.19 18.65
C GLU A 475 12.77 39.98 19.27
N LYS A 476 13.05 40.64 20.39
CA LYS A 476 12.09 41.59 20.98
C LYS A 476 10.74 40.97 21.27
N GLY A 477 10.76 39.72 21.73
CA GLY A 477 9.54 39.07 22.16
C GLY A 477 8.60 38.62 21.05
N GLN A 478 9.06 38.68 19.80
CA GLN A 478 8.29 38.22 18.65
C GLN A 478 7.86 36.76 18.81
N ASN A 479 6.62 36.47 18.40
CA ASN A 479 6.16 35.09 18.35
C ASN A 479 6.91 34.33 17.26
N ALA A 480 7.12 33.04 17.46
CA ALA A 480 7.81 32.24 16.44
C ALA A 480 6.89 32.06 15.24
N TYR A 481 7.35 32.47 14.05
CA TYR A 481 8.58 33.21 13.88
C TYR A 481 8.33 34.48 13.07
N THR A 482 9.36 35.31 12.95
CA THR A 482 9.33 36.35 11.95
C THR A 482 10.23 35.86 10.81
N LEU A 483 9.78 36.00 9.58
CA LEU A 483 10.59 35.53 8.46
C LEU A 483 11.37 36.69 7.82
N SER A 484 12.68 36.63 7.92
CA SER A 484 13.53 37.73 7.46
C SER A 484 14.43 37.39 6.27
N PHE A 485 14.90 38.44 5.59
CA PHE A 485 15.69 38.27 4.38
C PHE A 485 17.03 39.00 4.49
N ARG A 486 18.08 38.33 4.03
CA ARG A 486 19.42 38.91 3.99
C ARG A 486 20.10 38.54 2.67
N LYS A 487 21.06 39.36 2.27
CA LYS A 487 21.89 39.07 1.10
C LYS A 487 23.34 38.91 1.52
N PHE A 488 24.06 38.07 0.80
CA PHE A 488 25.49 37.93 1.03
C PHE A 488 26.26 37.57 -0.24
N ASN A 489 27.58 37.76 -0.17
CA ASN A 489 28.46 37.48 -1.30
C ASN A 489 29.60 36.53 -0.92
N TRP A 490 30.55 36.36 -1.84
CA TRP A 490 31.67 35.47 -1.57
C TRP A 490 32.66 35.93 -0.49
N GLU A 491 32.67 37.22 -0.16
CA GLU A 491 33.49 37.64 0.98
C GLU A 491 32.90 37.17 2.29
N PHE A 492 31.59 36.97 2.31
CA PHE A 492 30.98 36.46 3.53
C PHE A 492 31.19 34.97 3.58
N LEU A 493 31.11 34.31 2.42
CA LEU A 493 31.27 32.87 2.38
C LEU A 493 32.70 32.44 2.66
N SER A 494 33.66 33.30 2.35
CA SER A 494 35.07 32.93 2.50
C SER A 494 35.88 33.80 3.45
N LYS A 495 35.22 34.43 4.41
CA LYS A 495 35.94 35.05 5.51
C LYS A 495 36.68 33.92 6.22
N ASN A 496 37.84 34.23 6.81
CA ASN A 496 38.60 33.20 7.53
C ASN A 496 38.37 33.28 9.04
N ALA B 26 -28.61 -43.20 1.82
CA ALA B 26 -28.82 -41.77 2.11
C ALA B 26 -27.47 -41.06 2.30
N LEU B 27 -26.49 -41.80 2.81
CA LEU B 27 -25.13 -41.31 2.97
C LEU B 27 -24.16 -42.45 2.69
N THR B 28 -23.40 -42.35 1.61
CA THR B 28 -22.53 -43.48 1.25
C THR B 28 -21.41 -43.66 2.26
N GLU B 29 -20.68 -44.77 2.11
CA GLU B 29 -19.49 -44.99 2.91
C GLU B 29 -18.40 -44.18 2.24
N LYS B 30 -17.34 -43.87 2.98
CA LYS B 30 -16.29 -43.03 2.43
C LYS B 30 -15.36 -43.80 1.49
N THR B 31 -14.96 -43.14 0.43
CA THR B 31 -13.92 -43.64 -0.47
C THR B 31 -12.71 -42.74 -0.22
N ASP B 32 -11.53 -43.34 -0.05
CA ASP B 32 -10.35 -42.51 0.20
C ASP B 32 -9.73 -42.10 -1.13
N ILE B 33 -9.62 -40.79 -1.38
CA ILE B 33 -9.14 -40.26 -2.66
C ILE B 33 -7.64 -39.94 -2.62
N PHE B 34 -7.18 -39.36 -1.52
CA PHE B 34 -5.75 -39.12 -1.28
C PHE B 34 -5.40 -39.68 0.09
N GLU B 35 -4.56 -40.71 0.12
CA GLU B 35 -4.27 -41.43 1.36
C GLU B 35 -2.90 -41.11 1.97
N SER B 36 -2.91 -40.68 3.22
CA SER B 36 -1.69 -40.31 3.92
C SER B 36 -0.96 -41.55 4.42
N GLY B 37 0.28 -41.36 4.90
CA GLY B 37 1.02 -42.45 5.50
C GLY B 37 0.49 -42.75 6.90
N ARG B 38 1.12 -43.69 7.59
CA ARG B 38 0.70 -44.07 8.95
C ARG B 38 1.82 -43.87 9.95
N ASN B 39 1.45 -43.52 11.18
CA ASN B 39 2.38 -43.43 12.30
C ASN B 39 3.60 -42.56 12.03
N GLY B 40 3.42 -41.51 11.25
CA GLY B 40 4.47 -40.56 10.96
C GLY B 40 5.36 -40.95 9.81
N ASN B 41 5.03 -42.08 9.18
CA ASN B 41 5.75 -42.60 8.02
C ASN B 41 5.14 -42.10 6.73
N PRO B 42 5.95 -42.05 5.66
CA PRO B 42 5.44 -41.76 4.33
C PRO B 42 4.56 -42.91 3.84
N ASN B 43 3.68 -42.66 2.89
CA ASN B 43 2.95 -43.75 2.25
C ASN B 43 3.84 -44.43 1.20
N LYS B 44 3.31 -45.37 0.44
CA LYS B 44 4.11 -46.07 -0.55
C LYS B 44 4.69 -45.15 -1.63
N ASP B 45 4.10 -43.97 -1.80
CA ASP B 45 4.58 -43.02 -2.79
C ASP B 45 5.60 -42.05 -2.18
N GLY B 46 5.90 -42.23 -0.90
CA GLY B 46 6.83 -41.35 -0.21
C GLY B 46 6.17 -40.08 0.30
N ILE B 47 4.83 -40.05 0.29
CA ILE B 47 4.10 -38.88 0.74
C ILE B 47 3.60 -39.14 2.15
N LYS B 48 3.98 -38.26 3.07
CA LYS B 48 3.51 -38.39 4.44
C LYS B 48 2.07 -37.92 4.60
N SER B 49 1.72 -36.86 3.89
CA SER B 49 0.52 -36.11 4.22
C SER B 49 -0.25 -35.57 3.01
N TYR B 50 -1.57 -35.60 3.10
CA TYR B 50 -2.42 -34.85 2.21
C TYR B 50 -3.27 -33.87 3.00
N ARG B 51 -3.54 -32.71 2.40
CA ARG B 51 -4.36 -31.70 3.02
C ARG B 51 -5.08 -30.84 2.02
N ILE B 52 -6.03 -30.05 2.54
CA ILE B 52 -6.70 -28.96 1.84
C ILE B 52 -7.51 -29.41 0.61
N PRO B 53 -8.61 -30.11 0.84
CA PRO B 53 -9.37 -30.63 -0.28
C PRO B 53 -10.08 -29.53 -1.06
N ALA B 54 -10.26 -29.75 -2.36
CA ALA B 54 -11.12 -28.90 -3.17
C ALA B 54 -11.83 -29.83 -4.14
N LEU B 55 -13.13 -29.64 -4.31
CA LEU B 55 -13.94 -30.54 -5.11
C LEU B 55 -14.74 -29.77 -6.18
N LEU B 56 -14.69 -30.24 -7.42
CA LEU B 56 -15.36 -29.52 -8.51
C LEU B 56 -16.13 -30.42 -9.46
N LYS B 57 -17.41 -30.12 -9.62
CA LYS B 57 -18.17 -30.79 -10.67
C LYS B 57 -18.04 -29.95 -11.93
N THR B 58 -17.54 -30.55 -13.01
CA THR B 58 -17.31 -29.81 -14.25
C THR B 58 -18.51 -29.92 -15.18
N ASP B 59 -18.48 -29.12 -16.25
CA ASP B 59 -19.57 -29.09 -17.22
C ASP B 59 -19.85 -30.43 -17.86
N LYS B 60 -18.86 -31.31 -17.86
CA LYS B 60 -19.00 -32.62 -18.50
C LYS B 60 -19.43 -33.71 -17.53
N GLY B 61 -19.74 -33.32 -16.30
CA GLY B 61 -20.15 -34.24 -15.26
C GLY B 61 -19.01 -34.80 -14.43
N THR B 62 -17.79 -34.45 -14.80
CA THR B 62 -16.59 -34.93 -14.11
C THR B 62 -16.43 -34.33 -12.71
N LEU B 63 -15.94 -35.14 -11.79
CA LEU B 63 -15.55 -34.64 -10.49
C LEU B 63 -14.05 -34.46 -10.52
N ILE B 64 -13.59 -33.28 -10.12
CA ILE B 64 -12.17 -33.02 -9.96
C ILE B 64 -11.94 -32.82 -8.46
N ALA B 65 -11.04 -33.62 -7.90
CA ALA B 65 -10.66 -33.50 -6.50
C ALA B 65 -9.21 -33.04 -6.39
N GLY B 66 -8.99 -31.87 -5.79
CA GLY B 66 -7.66 -31.30 -5.65
C GLY B 66 -7.17 -31.29 -4.21
N ALA B 67 -5.85 -31.30 -4.03
CA ALA B 67 -5.26 -31.39 -2.70
C ALA B 67 -3.84 -30.87 -2.64
N ASP B 68 -3.41 -30.50 -1.44
CA ASP B 68 -2.00 -30.33 -1.16
C ASP B 68 -1.37 -31.72 -0.99
N GLU B 69 -0.38 -32.04 -1.82
CA GLU B 69 0.41 -33.27 -1.64
C GLU B 69 1.65 -32.94 -0.82
N ARG B 70 1.57 -33.22 0.48
CA ARG B 70 2.60 -32.79 1.43
C ARG B 70 3.55 -33.91 1.77
N ARG B 71 4.65 -33.99 1.03
CA ARG B 71 5.56 -35.14 1.05
C ARG B 71 6.26 -35.42 2.37
N LEU B 72 6.87 -34.37 2.92
CA LEU B 72 7.76 -34.50 4.07
C LEU B 72 7.08 -34.51 5.43
N HIS B 73 5.88 -33.94 5.51
CA HIS B 73 5.17 -33.77 6.79
C HIS B 73 3.86 -33.01 6.56
N SER B 74 3.14 -32.79 7.65
CA SER B 74 1.81 -32.22 7.62
C SER B 74 1.80 -30.72 7.80
N SER B 75 2.96 -30.15 8.04
CA SER B 75 3.03 -28.72 8.37
C SER B 75 2.74 -27.83 7.15
N ASP B 76 2.51 -26.54 7.40
CA ASP B 76 2.10 -25.59 6.36
C ASP B 76 3.27 -25.04 5.55
N TRP B 77 4.13 -25.93 5.08
CA TRP B 77 5.30 -25.54 4.28
C TRP B 77 5.99 -26.81 3.79
N GLY B 78 7.13 -26.65 3.15
CA GLY B 78 7.87 -27.81 2.71
C GLY B 78 7.67 -28.09 1.24
N ASP B 79 7.88 -29.35 0.86
CA ASP B 79 7.73 -29.79 -0.52
C ASP B 79 6.27 -30.15 -0.72
N ILE B 80 5.56 -29.32 -1.45
CA ILE B 80 4.12 -29.52 -1.60
C ILE B 80 3.74 -29.34 -3.05
N GLY B 81 3.12 -30.37 -3.62
CA GLY B 81 2.67 -30.29 -5.00
C GLY B 81 1.17 -30.10 -5.04
N MET B 82 0.70 -29.31 -6.00
CA MET B 82 -0.72 -29.17 -6.27
C MET B 82 -1.15 -30.30 -7.20
N VAL B 83 -2.05 -31.16 -6.73
CA VAL B 83 -2.43 -32.33 -7.50
C VAL B 83 -3.95 -32.49 -7.58
N ILE B 84 -4.41 -33.19 -8.62
CA ILE B 84 -5.83 -33.52 -8.71
C ILE B 84 -6.05 -34.98 -9.09
N ARG B 85 -7.27 -35.46 -8.88
CA ARG B 85 -7.74 -36.73 -9.43
C ARG B 85 -9.07 -36.53 -10.13
N ARG B 86 -9.33 -37.34 -11.16
CA ARG B 86 -10.58 -37.23 -11.90
C ARG B 86 -11.45 -38.47 -11.68
N SER B 87 -12.75 -38.24 -11.54
CA SER B 87 -13.73 -39.31 -11.54
C SER B 87 -14.76 -39.04 -12.62
N GLU B 88 -15.01 -40.05 -13.46
CA GLU B 88 -16.00 -39.90 -14.53
C GLU B 88 -17.31 -40.62 -14.24
N ASP B 89 -17.40 -41.29 -13.09
CA ASP B 89 -18.62 -42.01 -12.74
C ASP B 89 -19.22 -41.50 -11.44
N ASN B 90 -19.20 -40.18 -11.29
CA ASN B 90 -19.79 -39.50 -10.14
C ASN B 90 -19.21 -39.95 -8.81
N GLY B 91 -17.93 -40.31 -8.81
CA GLY B 91 -17.24 -40.60 -7.58
C GLY B 91 -17.04 -42.06 -7.25
N LYS B 92 -17.49 -42.97 -8.12
CA LYS B 92 -17.29 -44.40 -7.88
C LYS B 92 -15.82 -44.76 -8.03
N THR B 93 -15.20 -44.33 -9.11
CA THR B 93 -13.80 -44.65 -9.35
C THR B 93 -13.02 -43.39 -9.70
N TRP B 94 -11.74 -43.36 -9.36
CA TRP B 94 -10.89 -42.21 -9.59
C TRP B 94 -9.63 -42.61 -10.36
N GLY B 95 -9.22 -41.76 -11.32
CA GLY B 95 -8.05 -42.02 -12.14
C GLY B 95 -6.74 -41.77 -11.41
N ASP B 96 -5.66 -41.67 -12.17
CA ASP B 96 -4.35 -41.41 -11.60
C ASP B 96 -4.22 -39.97 -11.18
N ARG B 97 -3.28 -39.72 -10.26
CA ARG B 97 -2.94 -38.37 -9.86
C ARG B 97 -2.36 -37.57 -11.01
N VAL B 98 -2.85 -36.35 -11.15
CA VAL B 98 -2.28 -35.41 -12.08
C VAL B 98 -1.66 -34.28 -11.28
N THR B 99 -0.39 -34.01 -11.51
CA THR B 99 0.28 -32.95 -10.80
C THR B 99 0.21 -31.65 -11.60
N ILE B 100 -0.41 -30.64 -11.00
CA ILE B 100 -0.52 -29.33 -11.64
C ILE B 100 0.79 -28.56 -11.56
N THR B 101 1.37 -28.50 -10.37
CA THR B 101 2.60 -27.75 -10.12
C THR B 101 3.32 -28.34 -8.90
N ASN B 102 4.62 -28.65 -9.06
CA ASN B 102 5.50 -29.03 -7.94
C ASN B 102 6.91 -28.49 -8.10
N LEU B 103 7.19 -27.36 -7.46
CA LEU B 103 8.51 -26.72 -7.54
C LEU B 103 9.56 -27.60 -6.89
N ARG B 104 10.77 -27.57 -7.43
CA ARG B 104 11.85 -28.45 -6.93
C ARG B 104 12.44 -27.91 -5.64
N ASP B 105 12.94 -28.80 -4.79
N ASP B 105 12.93 -28.81 -4.80
CA ASP B 105 13.49 -28.36 -3.52
CA ASP B 105 13.54 -28.45 -3.52
C ASP B 105 14.88 -27.77 -3.69
C ASP B 105 14.88 -27.74 -3.73
N ASN B 106 15.35 -27.07 -2.68
CA ASN B 106 16.72 -26.57 -2.65
C ASN B 106 17.59 -27.71 -2.17
N PRO B 107 18.40 -28.27 -3.07
CA PRO B 107 19.18 -29.47 -2.74
C PRO B 107 20.19 -29.20 -1.63
N LYS B 108 20.55 -27.94 -1.44
CA LYS B 108 21.53 -27.59 -0.41
C LYS B 108 20.93 -27.04 0.88
N ALA B 109 19.63 -27.21 1.09
CA ALA B 109 19.01 -26.63 2.27
C ALA B 109 19.49 -27.35 3.53
N SER B 110 19.72 -26.59 4.58
CA SER B 110 20.20 -27.16 5.83
C SER B 110 19.14 -28.09 6.42
N ASP B 111 17.87 -27.72 6.28
CA ASP B 111 16.77 -28.52 6.78
C ASP B 111 15.76 -28.76 5.68
N PRO B 112 15.72 -29.97 5.11
CA PRO B 112 14.79 -30.27 4.01
C PRO B 112 13.32 -30.00 4.36
N SER B 113 12.96 -30.09 5.64
CA SER B 113 11.60 -29.81 6.09
C SER B 113 11.11 -28.40 5.71
N ILE B 114 12.03 -27.44 5.67
CA ILE B 114 11.67 -26.08 5.28
C ILE B 114 12.54 -25.67 4.12
N GLY B 115 13.04 -26.67 3.39
CA GLY B 115 14.02 -26.43 2.36
C GLY B 115 13.51 -26.37 0.94
N SER B 116 12.24 -26.05 0.75
CA SER B 116 11.68 -26.02 -0.59
C SER B 116 10.76 -24.82 -0.80
N PRO B 117 10.81 -24.23 -2.00
CA PRO B 117 9.78 -23.26 -2.37
C PRO B 117 8.41 -23.90 -2.19
N VAL B 118 7.41 -23.11 -1.84
CA VAL B 118 6.13 -23.65 -1.41
C VAL B 118 4.95 -23.26 -2.29
N ASN B 119 4.14 -24.25 -2.64
CA ASN B 119 2.75 -23.98 -3.04
C ASN B 119 1.85 -24.58 -1.98
N ILE B 120 0.71 -23.95 -1.73
CA ILE B 120 -0.17 -24.34 -0.63
C ILE B 120 -1.55 -23.68 -0.74
N ASP B 121 -2.60 -24.46 -0.48
CA ASP B 121 -4.02 -24.00 -0.48
C ASP B 121 -4.52 -23.70 -1.88
N MET B 122 -5.48 -24.47 -2.39
CA MET B 122 -6.01 -24.17 -3.72
C MET B 122 -7.49 -23.86 -3.75
N VAL B 123 -7.89 -23.10 -4.76
CA VAL B 123 -9.28 -22.94 -5.09
C VAL B 123 -9.48 -23.41 -6.53
N LEU B 124 -10.49 -24.26 -6.73
CA LEU B 124 -10.90 -24.68 -8.06
C LEU B 124 -12.20 -23.98 -8.46
N VAL B 125 -12.35 -23.74 -9.76
CA VAL B 125 -13.58 -23.17 -10.29
C VAL B 125 -13.58 -23.28 -11.83
N GLN B 126 -14.76 -23.46 -12.40
CA GLN B 126 -14.86 -23.51 -13.85
C GLN B 126 -15.72 -22.39 -14.39
N ASP B 127 -15.22 -21.74 -15.43
CA ASP B 127 -16.01 -20.78 -16.17
C ASP B 127 -17.03 -21.57 -17.00
N PRO B 128 -18.33 -21.37 -16.74
CA PRO B 128 -19.37 -22.17 -17.40
C PRO B 128 -19.47 -21.81 -18.89
N GLU B 129 -18.89 -20.70 -19.29
CA GLU B 129 -19.01 -20.29 -20.68
C GLU B 129 -17.85 -20.81 -21.54
N THR B 130 -16.61 -20.60 -21.09
CA THR B 130 -15.43 -21.03 -21.86
C THR B 130 -15.01 -22.46 -21.51
N LYS B 131 -15.58 -22.99 -20.43
CA LYS B 131 -15.28 -24.33 -19.91
C LYS B 131 -13.89 -24.46 -19.28
N ARG B 132 -13.12 -23.38 -19.32
CA ARG B 132 -11.80 -23.38 -18.70
C ARG B 132 -11.87 -23.57 -17.16
N ILE B 133 -11.03 -24.46 -16.68
CA ILE B 133 -10.94 -24.79 -15.28
C ILE B 133 -9.71 -24.14 -14.65
N PHE B 134 -9.92 -23.48 -13.52
CA PHE B 134 -8.86 -22.75 -12.83
C PHE B 134 -8.45 -23.38 -11.52
N SER B 135 -7.16 -23.35 -11.24
CA SER B 135 -6.63 -23.66 -9.92
C SER B 135 -5.78 -22.49 -9.45
N ILE B 136 -6.22 -21.87 -8.37
CA ILE B 136 -5.55 -20.70 -7.80
C ILE B 136 -5.07 -21.03 -6.39
N TYR B 137 -3.79 -20.78 -6.14
CA TYR B 137 -3.12 -21.28 -4.93
C TYR B 137 -1.96 -20.36 -4.53
N ASP B 138 -1.50 -20.47 -3.27
CA ASP B 138 -0.43 -19.61 -2.75
C ASP B 138 0.95 -20.03 -3.24
N MET B 139 1.86 -19.06 -3.32
CA MET B 139 3.27 -19.38 -3.56
C MET B 139 4.21 -18.61 -2.65
N PHE B 140 5.16 -19.32 -2.05
CA PHE B 140 6.22 -18.70 -1.28
C PHE B 140 7.53 -19.27 -1.79
N PRO B 141 8.59 -18.45 -1.77
CA PRO B 141 9.96 -18.95 -1.95
C PRO B 141 10.37 -19.85 -0.78
N GLU B 142 11.55 -20.49 -0.86
CA GLU B 142 12.02 -21.42 0.19
C GLU B 142 11.87 -20.84 1.61
N GLY B 143 11.32 -21.60 2.55
CA GLY B 143 11.11 -21.16 3.92
C GLY B 143 9.92 -21.82 4.59
N LYS B 144 9.43 -21.20 5.67
CA LYS B 144 8.31 -21.76 6.43
C LYS B 144 6.97 -21.15 6.03
N GLY B 145 6.85 -20.70 4.78
CA GLY B 145 5.61 -20.13 4.29
C GLY B 145 5.13 -18.96 5.12
N ILE B 146 3.84 -18.92 5.42
CA ILE B 146 3.27 -17.75 6.09
C ILE B 146 3.90 -17.51 7.47
N PHE B 147 4.50 -18.55 8.03
CA PHE B 147 5.17 -18.46 9.32
C PHE B 147 6.64 -18.09 9.15
N GLY B 148 7.05 -17.81 7.92
CA GLY B 148 8.44 -17.50 7.61
C GLY B 148 8.66 -16.25 6.76
N MET B 149 7.67 -15.36 6.78
CA MET B 149 7.75 -14.11 6.03
C MET B 149 8.70 -13.12 6.70
N SER B 150 9.39 -12.31 5.89
CA SER B 150 10.38 -11.37 6.43
C SER B 150 9.71 -10.29 7.28
N SER B 151 10.52 -9.59 8.07
CA SER B 151 9.98 -8.54 8.91
C SER B 151 9.83 -7.23 8.15
N GLN B 152 10.66 -7.05 7.12
CA GLN B 152 10.66 -5.83 6.31
C GLN B 152 10.12 -6.10 4.92
N LYS B 153 9.37 -5.18 4.34
CA LYS B 153 8.91 -5.34 2.96
C LYS B 153 10.09 -5.44 1.98
N GLU B 154 9.98 -6.38 1.05
CA GLU B 154 10.90 -6.41 -0.08
C GLU B 154 10.03 -6.23 -1.31
N GLU B 155 10.29 -5.19 -2.09
CA GLU B 155 9.55 -4.95 -3.32
C GLU B 155 9.67 -6.18 -4.24
N ALA B 156 8.53 -6.64 -4.76
CA ALA B 156 8.48 -7.82 -5.60
C ALA B 156 8.40 -7.46 -7.07
N TYR B 157 7.84 -6.30 -7.38
CA TYR B 157 7.67 -5.94 -8.77
C TYR B 157 8.12 -4.54 -9.08
N LYS B 158 8.36 -4.31 -10.36
CA LYS B 158 8.78 -3.01 -10.86
C LYS B 158 8.17 -2.77 -12.22
N LYS B 159 7.60 -1.58 -12.41
CA LYS B 159 7.09 -1.20 -13.70
C LYS B 159 8.17 -0.45 -14.47
N ILE B 160 8.38 -0.83 -15.72
CA ILE B 160 9.41 -0.23 -16.55
C ILE B 160 8.85 -0.02 -17.95
N ASP B 161 8.86 1.24 -18.41
CA ASP B 161 8.30 1.60 -19.72
C ASP B 161 6.90 1.01 -19.92
N GLY B 162 6.10 1.03 -18.86
CA GLY B 162 4.73 0.55 -18.94
C GLY B 162 4.55 -0.93 -18.70
N LYS B 163 5.65 -1.64 -18.52
CA LYS B 163 5.55 -3.08 -18.25
C LYS B 163 5.92 -3.45 -16.82
N THR B 164 5.19 -4.40 -16.24
CA THR B 164 5.52 -4.85 -14.90
C THR B 164 6.39 -6.09 -14.94
N TYR B 165 7.56 -6.01 -14.30
CA TYR B 165 8.53 -7.10 -14.24
C TYR B 165 8.81 -7.56 -12.80
N GLN B 166 9.02 -8.87 -12.62
CA GLN B 166 9.42 -9.39 -11.32
C GLN B 166 10.86 -8.97 -10.98
N ILE B 167 11.11 -8.67 -9.71
CA ILE B 167 12.41 -8.18 -9.26
C ILE B 167 13.30 -9.33 -8.80
N LEU B 168 14.60 -9.22 -9.05
CA LEU B 168 15.55 -10.10 -8.42
C LEU B 168 16.51 -9.32 -7.52
N TYR B 169 16.92 -9.94 -6.41
CA TYR B 169 17.89 -9.33 -5.53
C TYR B 169 19.20 -10.11 -5.55
N ARG B 170 20.29 -9.37 -5.61
CA ARG B 170 21.61 -9.97 -5.62
C ARG B 170 22.33 -9.64 -4.32
N GLU B 171 22.97 -10.66 -3.75
CA GLU B 171 23.79 -10.54 -2.56
C GLU B 171 24.81 -9.39 -2.65
N GLY B 172 24.73 -8.48 -1.69
CA GLY B 172 25.67 -7.37 -1.57
C GLY B 172 25.27 -6.14 -2.36
N GLU B 173 24.17 -6.24 -3.11
CA GLU B 173 23.72 -5.11 -3.90
C GLU B 173 22.35 -4.63 -3.47
N LYS B 174 22.20 -3.31 -3.35
CA LYS B 174 20.93 -2.70 -2.94
C LYS B 174 19.87 -2.71 -4.03
N GLY B 175 20.31 -2.48 -5.27
CA GLY B 175 19.41 -2.29 -6.40
C GLY B 175 18.57 -3.47 -6.83
N ALA B 176 17.54 -3.17 -7.61
CA ALA B 176 16.59 -4.18 -8.09
C ALA B 176 16.90 -4.63 -9.51
N TYR B 177 17.25 -5.91 -9.64
CA TYR B 177 17.36 -6.52 -10.95
C TYR B 177 15.94 -6.82 -11.40
N THR B 178 15.77 -7.00 -12.72
CA THR B 178 14.46 -7.38 -13.24
C THR B 178 14.53 -8.59 -14.16
N ILE B 179 13.48 -9.39 -14.14
CA ILE B 179 13.32 -10.49 -15.07
C ILE B 179 12.45 -9.99 -16.22
N ARG B 180 13.04 -9.86 -17.40
CA ARG B 180 12.31 -9.30 -18.54
C ARG B 180 12.02 -10.35 -19.61
N GLU B 181 11.84 -9.91 -20.85
CA GLU B 181 11.53 -10.78 -21.96
C GLU B 181 12.41 -12.04 -22.04
N ASN B 182 11.76 -13.18 -22.23
CA ASN B 182 12.43 -14.49 -22.35
C ASN B 182 13.17 -14.91 -21.08
N GLY B 183 12.93 -14.17 -19.99
CA GLY B 183 13.49 -14.48 -18.71
C GLY B 183 14.89 -13.92 -18.54
N THR B 184 15.27 -13.04 -19.44
CA THR B 184 16.59 -12.39 -19.40
C THR B 184 16.66 -11.49 -18.19
N VAL B 185 17.73 -11.62 -17.42
CA VAL B 185 17.93 -10.79 -16.23
C VAL B 185 18.63 -9.47 -16.56
N TYR B 186 18.02 -8.35 -16.16
CA TYR B 186 18.60 -7.02 -16.35
C TYR B 186 19.10 -6.43 -15.03
N THR B 187 20.16 -5.62 -15.11
CA THR B 187 20.71 -4.92 -13.95
C THR B 187 19.75 -3.85 -13.41
N PRO B 188 20.05 -3.34 -12.20
CA PRO B 188 19.29 -2.18 -11.69
C PRO B 188 19.34 -0.97 -12.61
N ASP B 189 20.42 -0.78 -13.34
CA ASP B 189 20.48 0.32 -14.30
C ASP B 189 20.08 -0.06 -15.73
N GLY B 190 19.50 -1.24 -15.88
CA GLY B 190 18.83 -1.60 -17.12
C GLY B 190 19.62 -2.22 -18.27
N LYS B 191 20.74 -2.88 -17.98
CA LYS B 191 21.46 -3.59 -19.04
C LYS B 191 21.24 -5.09 -18.91
N ALA B 192 21.04 -5.74 -20.04
CA ALA B 192 20.88 -7.19 -20.09
C ALA B 192 22.15 -7.85 -19.60
N THR B 193 21.99 -9.01 -18.97
CA THR B 193 23.11 -9.75 -18.40
C THR B 193 23.15 -11.12 -19.06
N ASP B 194 24.16 -11.91 -18.71
CA ASP B 194 24.29 -13.27 -19.23
C ASP B 194 23.35 -14.23 -18.51
N TYR B 195 22.70 -13.74 -17.46
CA TYR B 195 21.85 -14.60 -16.66
C TYR B 195 20.44 -14.61 -17.20
N ARG B 196 19.76 -15.73 -17.05
CA ARG B 196 18.35 -15.85 -17.40
C ARG B 196 17.53 -16.77 -16.46
N VAL B 197 16.23 -16.52 -16.40
CA VAL B 197 15.33 -17.31 -15.58
C VAL B 197 14.50 -18.21 -16.48
N VAL B 198 14.33 -19.46 -16.12
CA VAL B 198 13.33 -20.28 -16.82
C VAL B 198 11.94 -19.72 -16.50
N VAL B 199 11.39 -18.98 -17.46
CA VAL B 199 10.08 -18.39 -17.31
C VAL B 199 9.01 -19.18 -18.09
N ASP B 200 9.47 -20.15 -18.88
CA ASP B 200 8.55 -21.07 -19.55
C ASP B 200 8.96 -22.48 -19.21
N PRO B 201 8.62 -22.93 -18.00
CA PRO B 201 9.03 -24.27 -17.55
C PRO B 201 8.49 -25.35 -18.47
N VAL B 202 9.27 -26.40 -18.71
CA VAL B 202 8.86 -27.48 -19.61
C VAL B 202 8.92 -28.87 -18.97
N LYS B 203 9.54 -28.97 -17.79
CA LYS B 203 9.62 -30.26 -17.08
C LYS B 203 8.26 -30.68 -16.53
N PRO B 204 8.08 -31.97 -16.24
CA PRO B 204 6.79 -32.39 -15.65
C PRO B 204 6.55 -31.67 -14.32
N ALA B 205 5.31 -31.21 -14.11
CA ALA B 205 4.95 -30.46 -12.91
C ALA B 205 5.58 -29.06 -12.90
N TYR B 206 6.19 -28.67 -14.01
CA TYR B 206 6.88 -27.39 -14.16
C TYR B 206 7.99 -27.14 -13.10
N SER B 207 8.62 -28.22 -12.66
CA SER B 207 9.66 -28.20 -11.63
C SER B 207 10.91 -27.38 -11.99
N ASP B 208 10.97 -26.90 -13.22
CA ASP B 208 12.10 -26.06 -13.61
C ASP B 208 11.80 -24.56 -13.46
N LYS B 209 10.55 -24.21 -13.16
CA LYS B 209 10.19 -22.80 -13.04
C LYS B 209 11.09 -22.08 -12.04
N GLY B 210 11.70 -20.99 -12.48
CA GLY B 210 12.57 -20.23 -11.62
C GLY B 210 14.04 -20.61 -11.70
N ASP B 211 14.35 -21.67 -12.44
CA ASP B 211 15.75 -22.08 -12.62
C ASP B 211 16.56 -20.91 -13.18
N LEU B 212 17.72 -20.70 -12.58
CA LEU B 212 18.60 -19.61 -12.96
C LEU B 212 19.81 -20.12 -13.75
N TYR B 213 19.93 -19.65 -15.00
CA TYR B 213 21.03 -20.05 -15.88
C TYR B 213 21.97 -18.91 -16.14
N LYS B 214 23.25 -19.26 -16.27
CA LYS B 214 24.23 -18.38 -16.88
C LYS B 214 24.63 -19.06 -18.19
N GLY B 215 24.13 -18.52 -19.30
CA GLY B 215 24.29 -19.12 -20.60
C GLY B 215 23.64 -20.49 -20.66
N ASP B 216 24.47 -21.51 -20.79
CA ASP B 216 24.07 -22.91 -20.81
C ASP B 216 24.06 -23.56 -19.43
N GLN B 217 24.72 -22.93 -18.45
CA GLN B 217 24.96 -23.58 -17.18
C GLN B 217 23.84 -23.27 -16.18
N LEU B 218 23.22 -24.33 -15.66
CA LEU B 218 22.26 -24.19 -14.58
C LEU B 218 22.98 -23.86 -13.28
N LEU B 219 22.58 -22.78 -12.62
CA LEU B 219 23.31 -22.32 -11.43
C LEU B 219 22.53 -22.46 -10.14
N GLY B 220 21.21 -22.49 -10.25
CA GLY B 220 20.35 -22.58 -9.07
C GLY B 220 18.90 -22.22 -9.40
N ASN B 221 18.21 -21.62 -8.43
CA ASN B 221 16.82 -21.24 -8.61
C ASN B 221 16.48 -19.96 -7.85
N ILE B 222 15.70 -19.09 -8.49
CA ILE B 222 15.41 -17.80 -7.91
C ILE B 222 14.51 -17.89 -6.69
N TYR B 223 13.89 -19.04 -6.50
CA TYR B 223 13.00 -19.26 -5.35
C TYR B 223 13.77 -19.81 -4.14
N PHE B 224 15.07 -20.07 -4.30
CA PHE B 224 15.88 -20.55 -3.18
C PHE B 224 16.30 -19.35 -2.34
N THR B 225 16.31 -19.52 -1.02
CA THR B 225 16.59 -18.44 -0.09
C THR B 225 17.81 -18.71 0.79
N THR B 226 18.22 -19.96 0.89
CA THR B 226 19.37 -20.34 1.73
C THR B 226 20.43 -21.12 0.95
N ASN B 227 21.68 -21.03 1.43
CA ASN B 227 22.82 -21.77 0.88
C ASN B 227 22.84 -21.75 -0.66
N LYS B 228 22.56 -20.60 -1.24
CA LYS B 228 22.35 -20.48 -2.68
C LYS B 228 23.61 -20.74 -3.55
N THR B 229 23.39 -21.33 -4.72
CA THR B 229 24.44 -21.57 -5.69
C THR B 229 24.34 -20.60 -6.87
N SER B 230 23.22 -19.89 -6.96
CA SER B 230 23.09 -18.80 -7.94
C SER B 230 23.08 -17.46 -7.17
N PRO B 231 23.31 -16.35 -7.86
CA PRO B 231 23.38 -15.04 -7.18
C PRO B 231 22.02 -14.34 -6.97
N PHE B 232 20.92 -14.92 -7.45
CA PHE B 232 19.65 -14.20 -7.48
C PHE B 232 18.49 -14.88 -6.78
N ARG B 233 17.67 -14.07 -6.11
CA ARG B 233 16.42 -14.56 -5.54
C ARG B 233 15.32 -13.51 -5.69
N ILE B 234 14.06 -13.97 -5.68
CA ILE B 234 12.93 -13.06 -5.71
C ILE B 234 12.75 -12.49 -4.32
N ALA B 235 11.84 -11.55 -4.19
CA ALA B 235 11.51 -10.97 -2.91
C ALA B 235 10.85 -12.04 -2.03
N LYS B 236 11.28 -12.11 -0.76
CA LYS B 236 10.61 -12.99 0.18
C LYS B 236 9.26 -12.40 0.50
N ASP B 237 8.23 -12.97 -0.10
CA ASP B 237 6.90 -12.43 0.07
C ASP B 237 5.90 -13.54 -0.18
N SER B 238 4.64 -13.19 -0.04
CA SER B 238 3.54 -14.08 -0.29
C SER B 238 3.06 -13.84 -1.70
N TYR B 239 2.88 -14.92 -2.45
CA TYR B 239 2.49 -14.79 -3.84
C TYR B 239 1.22 -15.57 -4.17
N LEU B 240 0.57 -15.19 -5.27
CA LEU B 240 -0.63 -15.87 -5.76
C LEU B 240 -0.45 -16.36 -7.20
N TRP B 241 -0.60 -17.67 -7.41
CA TRP B 241 -0.42 -18.25 -8.72
C TRP B 241 -1.69 -18.89 -9.25
N MET B 242 -1.78 -19.03 -10.56
CA MET B 242 -2.95 -19.63 -11.20
C MET B 242 -2.55 -20.58 -12.35
N SER B 243 -3.15 -21.76 -12.38
CA SER B 243 -2.97 -22.68 -13.49
C SER B 243 -4.33 -23.05 -14.05
N TYR B 244 -4.38 -23.32 -15.35
CA TYR B 244 -5.67 -23.65 -15.96
C TYR B 244 -5.59 -24.87 -16.86
N SER B 245 -6.76 -25.47 -17.06
CA SER B 245 -6.94 -26.65 -17.90
C SER B 245 -8.09 -26.42 -18.86
N ASP B 246 -7.88 -26.73 -20.14
CA ASP B 246 -8.95 -26.63 -21.13
C ASP B 246 -9.41 -28.02 -21.57
N ASP B 247 -8.98 -29.05 -20.85
CA ASP B 247 -9.36 -30.41 -21.19
C ASP B 247 -9.90 -31.18 -20.00
N ASP B 248 -10.79 -30.53 -19.26
CA ASP B 248 -11.52 -31.22 -18.19
C ASP B 248 -10.57 -31.71 -17.10
N GLY B 249 -9.42 -31.06 -16.98
CA GLY B 249 -8.50 -31.35 -15.88
C GLY B 249 -7.41 -32.38 -16.12
N LYS B 250 -7.26 -32.84 -17.36
CA LYS B 250 -6.21 -33.81 -17.69
C LYS B 250 -4.82 -33.18 -17.74
N THR B 251 -4.72 -32.02 -18.38
CA THR B 251 -3.45 -31.32 -18.46
C THR B 251 -3.63 -29.86 -18.07
N TRP B 252 -2.53 -29.25 -17.62
CA TRP B 252 -2.59 -27.91 -17.06
C TRP B 252 -1.55 -26.98 -17.65
N SER B 253 -1.89 -25.70 -17.75
CA SER B 253 -0.95 -24.68 -18.15
C SER B 253 0.20 -24.54 -17.15
N ALA B 254 1.24 -23.82 -17.56
CA ALA B 254 2.28 -23.37 -16.65
C ALA B 254 1.66 -22.36 -15.67
N PRO B 255 2.24 -22.24 -14.47
CA PRO B 255 1.70 -21.29 -13.49
C PRO B 255 1.76 -19.84 -13.96
N GLN B 256 0.67 -19.09 -13.79
CA GLN B 256 0.68 -17.68 -14.08
C GLN B 256 0.70 -16.93 -12.76
N ASP B 257 1.57 -15.95 -12.67
CA ASP B 257 1.71 -15.17 -11.45
C ASP B 257 0.75 -13.98 -11.51
N ILE B 258 -0.38 -14.11 -10.81
CA ILE B 258 -1.40 -13.06 -10.83
C ILE B 258 -1.28 -12.07 -9.69
N THR B 259 -0.28 -12.28 -8.84
CA THR B 259 -0.02 -11.42 -7.68
C THR B 259 -0.07 -9.92 -7.95
N PRO B 260 0.66 -9.42 -8.98
CA PRO B 260 0.67 -7.97 -9.13
C PRO B 260 -0.67 -7.35 -9.55
N MET B 261 -1.64 -8.20 -9.91
CA MET B 261 -2.97 -7.73 -10.27
C MET B 261 -3.82 -7.48 -9.04
N VAL B 262 -3.55 -8.18 -7.95
CA VAL B 262 -4.45 -8.14 -6.81
C VAL B 262 -3.79 -7.74 -5.51
N LYS B 263 -2.46 -7.80 -5.46
CA LYS B 263 -1.79 -7.52 -4.19
C LYS B 263 -1.39 -6.05 -4.01
N ALA B 264 -2.01 -5.40 -3.03
CA ALA B 264 -1.68 -4.02 -2.69
C ALA B 264 -0.30 -3.91 -2.02
N ASP B 265 0.23 -2.69 -1.99
CA ASP B 265 1.51 -2.34 -1.38
C ASP B 265 1.58 -2.64 0.11
N TRP B 266 0.46 -2.49 0.80
CA TRP B 266 0.46 -2.67 2.25
C TRP B 266 0.32 -4.15 2.63
N MET B 267 -0.18 -4.97 1.71
CA MET B 267 -0.46 -6.35 2.07
C MET B 267 0.81 -7.15 2.38
N LYS B 268 0.81 -7.81 3.52
CA LYS B 268 1.88 -8.72 3.87
C LYS B 268 1.52 -10.08 3.29
N PHE B 269 0.72 -10.86 4.02
CA PHE B 269 0.21 -12.11 3.45
C PHE B 269 -1.01 -11.86 2.56
N LEU B 270 -1.07 -12.58 1.44
CA LEU B 270 -2.27 -12.64 0.61
C LEU B 270 -2.40 -14.04 0.01
N GLY B 271 -3.42 -14.78 0.44
CA GLY B 271 -3.64 -16.14 -0.05
C GLY B 271 -5.10 -16.54 -0.27
N VAL B 272 -5.33 -17.68 -0.90
CA VAL B 272 -6.70 -18.11 -1.14
C VAL B 272 -7.38 -18.68 0.12
N GLY B 273 -8.70 -18.55 0.18
CA GLY B 273 -9.48 -19.30 1.13
C GLY B 273 -9.89 -20.57 0.41
N PRO B 274 -9.22 -21.69 0.71
CA PRO B 274 -9.28 -22.85 -0.18
C PRO B 274 -10.62 -23.58 -0.22
N GLY B 275 -10.82 -24.31 -1.31
CA GLY B 275 -12.06 -24.99 -1.59
C GLY B 275 -12.46 -24.66 -3.03
N THR B 276 -13.74 -24.39 -3.25
CA THR B 276 -14.26 -24.20 -4.59
C THR B 276 -14.94 -22.84 -4.73
N GLY B 277 -14.45 -22.05 -5.68
CA GLY B 277 -15.00 -20.71 -5.89
C GLY B 277 -16.30 -20.79 -6.67
N ILE B 278 -16.85 -19.63 -7.06
CA ILE B 278 -18.11 -19.63 -7.79
C ILE B 278 -18.14 -18.72 -9.00
N VAL B 279 -19.10 -18.98 -9.87
CA VAL B 279 -19.38 -18.03 -10.92
C VAL B 279 -20.78 -17.48 -10.67
N LEU B 280 -20.92 -16.16 -10.64
CA LEU B 280 -22.23 -15.58 -10.39
C LEU B 280 -23.15 -15.99 -11.52
N ARG B 281 -24.33 -16.47 -11.15
CA ARG B 281 -25.25 -17.03 -12.12
C ARG B 281 -26.41 -16.09 -12.44
N ASN B 282 -26.51 -15.00 -11.69
CA ASN B 282 -27.55 -14.00 -11.93
C ASN B 282 -27.11 -12.57 -11.58
N GLY B 283 -27.92 -11.58 -11.96
CA GLY B 283 -27.61 -10.19 -11.67
C GLY B 283 -26.74 -9.51 -12.70
N PRO B 284 -26.39 -8.23 -12.46
CA PRO B 284 -25.62 -7.40 -13.39
C PRO B 284 -24.18 -7.85 -13.54
N HIS B 285 -23.71 -8.65 -12.60
CA HIS B 285 -22.33 -9.12 -12.68
C HIS B 285 -22.27 -10.60 -12.99
N LYS B 286 -23.36 -11.14 -13.53
CA LYS B 286 -23.41 -12.54 -13.92
C LYS B 286 -22.23 -12.87 -14.80
N GLY B 287 -21.53 -13.96 -14.50
CA GLY B 287 -20.36 -14.33 -15.25
C GLY B 287 -19.08 -13.99 -14.51
N ARG B 288 -19.17 -13.13 -13.51
CA ARG B 288 -18.01 -12.84 -12.66
C ARG B 288 -17.59 -14.08 -11.85
N ILE B 289 -16.31 -14.41 -11.91
CA ILE B 289 -15.75 -15.48 -11.10
C ILE B 289 -15.32 -14.92 -9.76
N LEU B 290 -15.67 -15.59 -8.67
CA LEU B 290 -15.23 -15.12 -7.36
C LEU B 290 -14.31 -16.11 -6.67
N ILE B 291 -13.16 -15.63 -6.20
CA ILE B 291 -12.21 -16.48 -5.48
C ILE B 291 -11.96 -15.93 -4.08
N PRO B 292 -12.39 -16.67 -3.05
CA PRO B 292 -12.16 -16.24 -1.68
C PRO B 292 -10.67 -16.09 -1.40
N VAL B 293 -10.26 -14.99 -0.79
CA VAL B 293 -8.88 -14.81 -0.36
C VAL B 293 -8.86 -14.16 1.03
N TYR B 294 -7.67 -14.00 1.60
CA TYR B 294 -7.53 -13.20 2.81
C TYR B 294 -6.11 -12.67 2.97
N THR B 295 -5.97 -11.61 3.75
CA THR B 295 -4.71 -10.91 3.92
C THR B 295 -4.30 -10.69 5.38
N THR B 296 -3.03 -10.37 5.57
CA THR B 296 -2.59 -9.77 6.83
C THR B 296 -1.92 -8.46 6.50
N ASN B 297 -1.74 -7.62 7.51
CA ASN B 297 -0.99 -6.37 7.35
C ASN B 297 0.31 -6.37 8.12
N ASN B 298 1.05 -5.28 7.99
CA ASN B 298 2.37 -5.15 8.60
C ASN B 298 2.33 -4.68 10.05
N VAL B 299 1.15 -4.28 10.53
CA VAL B 299 0.96 -3.83 11.92
C VAL B 299 0.87 -5.02 12.90
N SER B 300 0.02 -6.00 12.59
CA SER B 300 -0.23 -7.13 13.47
C SER B 300 -0.12 -8.52 12.80
N HIS B 301 0.01 -8.56 11.46
CA HIS B 301 0.18 -9.81 10.74
C HIS B 301 -0.86 -10.86 11.17
N LEU B 302 -0.37 -12.01 11.63
CA LEU B 302 -1.21 -13.13 12.03
C LEU B 302 -1.93 -12.91 13.35
N ASP B 303 -1.53 -11.88 14.09
CA ASP B 303 -2.08 -11.61 15.42
C ASP B 303 -3.38 -10.86 15.49
N GLY B 304 -3.69 -10.05 14.49
CA GLY B 304 -4.90 -9.26 14.58
C GLY B 304 -5.37 -8.62 13.28
N SER B 305 -4.85 -9.09 12.15
CA SER B 305 -5.16 -8.45 10.89
C SER B 305 -5.72 -9.35 9.80
N GLN B 306 -5.82 -10.66 10.07
CA GLN B 306 -6.44 -11.59 9.10
C GLN B 306 -7.82 -11.11 8.66
N SER B 307 -7.96 -10.87 7.36
CA SER B 307 -9.11 -10.18 6.81
C SER B 307 -9.62 -10.83 5.53
N SER B 308 -10.84 -11.34 5.58
CA SER B 308 -11.44 -12.00 4.44
C SER B 308 -11.79 -11.00 3.33
N ARG B 309 -11.68 -11.45 2.09
CA ARG B 309 -12.24 -10.74 0.93
C ARG B 309 -12.31 -11.69 -0.26
N VAL B 310 -12.67 -11.16 -1.43
CA VAL B 310 -12.54 -11.93 -2.67
C VAL B 310 -11.75 -11.21 -3.75
N ILE B 311 -11.18 -11.97 -4.68
CA ILE B 311 -10.72 -11.42 -5.95
C ILE B 311 -11.68 -11.92 -7.00
N TYR B 312 -11.80 -11.18 -8.10
CA TYR B 312 -12.79 -11.53 -9.10
C TYR B 312 -12.25 -11.30 -10.50
N SER B 313 -12.82 -12.00 -11.47
CA SER B 313 -12.52 -11.75 -12.88
C SER B 313 -13.81 -11.54 -13.64
N ASP B 314 -13.85 -10.45 -14.42
CA ASP B 314 -14.99 -10.17 -15.28
C ASP B 314 -14.73 -10.57 -16.72
N ASP B 315 -13.56 -11.15 -16.98
CA ASP B 315 -13.19 -11.52 -18.36
C ASP B 315 -12.73 -12.96 -18.52
N HIS B 316 -13.44 -13.86 -17.85
CA HIS B 316 -13.19 -15.31 -17.95
C HIS B 316 -11.77 -15.68 -17.53
N GLY B 317 -11.25 -14.98 -16.53
CA GLY B 317 -9.99 -15.36 -15.92
C GLY B 317 -8.76 -14.68 -16.47
N LYS B 318 -8.95 -13.78 -17.43
CA LYS B 318 -7.82 -13.10 -18.04
C LYS B 318 -7.14 -12.17 -17.05
N THR B 319 -7.95 -11.32 -16.41
CA THR B 319 -7.45 -10.37 -15.43
C THR B 319 -8.21 -10.50 -14.11
N TRP B 320 -7.54 -10.19 -13.02
CA TRP B 320 -8.13 -10.31 -11.69
C TRP B 320 -8.11 -8.97 -10.98
N HIS B 321 -9.12 -8.75 -10.15
CA HIS B 321 -9.20 -7.53 -9.37
C HIS B 321 -9.53 -7.90 -7.96
N ALA B 322 -9.03 -7.11 -7.03
CA ALA B 322 -9.32 -7.31 -5.63
C ALA B 322 -10.55 -6.50 -5.19
N GLY B 323 -11.53 -7.18 -4.62
CA GLY B 323 -12.61 -6.49 -3.95
C GLY B 323 -12.10 -5.93 -2.63
N GLU B 324 -12.94 -5.19 -1.94
CA GLU B 324 -12.59 -4.65 -0.64
C GLU B 324 -12.72 -5.70 0.45
N ALA B 325 -12.03 -5.49 1.57
CA ALA B 325 -12.14 -6.41 2.69
C ALA B 325 -13.45 -6.18 3.40
N VAL B 326 -13.97 -7.26 3.98
CA VAL B 326 -15.10 -7.20 4.88
C VAL B 326 -14.82 -6.22 6.02
N ASN B 327 -13.55 -6.19 6.45
CA ASN B 327 -13.15 -5.34 7.58
C ASN B 327 -12.87 -3.87 7.23
N ASP B 328 -12.90 -3.54 5.94
CA ASP B 328 -12.64 -2.15 5.56
C ASP B 328 -13.80 -1.21 5.92
N ASN B 329 -13.48 -0.16 6.67
CA ASN B 329 -14.47 0.76 7.23
C ASN B 329 -15.52 0.05 8.08
N ARG B 330 -15.13 -1.09 8.65
CA ARG B 330 -16.01 -1.83 9.52
C ARG B 330 -16.03 -1.21 10.90
N GLN B 331 -17.19 -1.14 11.53
CA GLN B 331 -17.29 -0.58 12.87
C GLN B 331 -17.04 -1.64 13.93
N VAL B 332 -16.02 -1.41 14.74
CA VAL B 332 -15.65 -2.36 15.78
C VAL B 332 -15.36 -1.60 17.07
N ASP B 333 -16.16 -1.84 18.09
CA ASP B 333 -15.99 -1.16 19.38
C ASP B 333 -16.03 0.36 19.26
N GLY B 334 -16.94 0.87 18.46
CA GLY B 334 -17.12 2.31 18.32
C GLY B 334 -16.17 3.00 17.36
N GLN B 335 -15.10 2.31 16.97
CA GLN B 335 -14.16 2.88 16.02
C GLN B 335 -14.17 2.07 14.74
N LYS B 336 -13.95 2.73 13.60
CA LYS B 336 -13.81 2.03 12.34
C LYS B 336 -12.39 1.49 12.25
N ILE B 337 -12.24 0.36 11.59
CA ILE B 337 -10.93 -0.20 11.33
C ILE B 337 -10.77 -0.39 9.82
N HIS B 338 -9.56 -0.77 9.43
CA HIS B 338 -9.28 -1.11 8.04
C HIS B 338 -8.35 -2.33 8.03
N SER B 339 -8.53 -3.21 7.06
CA SER B 339 -7.75 -4.45 6.98
C SER B 339 -6.25 -4.17 6.90
N SER B 340 -5.88 -2.98 6.45
CA SER B 340 -4.45 -2.62 6.35
C SER B 340 -3.86 -2.10 7.65
N THR B 341 -4.69 -1.70 8.60
CA THR B 341 -4.18 -1.09 9.82
C THR B 341 -4.71 -1.72 11.11
N MET B 342 -5.56 -2.73 10.99
CA MET B 342 -6.23 -3.25 12.16
C MET B 342 -5.30 -4.09 13.03
N ASN B 343 -5.58 -4.11 14.33
CA ASN B 343 -4.91 -5.00 15.27
C ASN B 343 -5.93 -5.41 16.34
N ASN B 344 -6.71 -6.41 15.99
CA ASN B 344 -7.86 -6.80 16.77
C ASN B 344 -8.16 -8.25 16.49
N ARG B 345 -7.92 -9.08 17.50
CA ARG B 345 -8.00 -10.53 17.36
CA ARG B 345 -8.00 -10.52 17.32
C ARG B 345 -9.40 -11.02 16.97
N ARG B 346 -10.42 -10.60 17.71
CA ARG B 346 -11.78 -11.10 17.45
C ARG B 346 -12.40 -10.49 16.20
N ALA B 347 -11.84 -9.38 15.75
CA ALA B 347 -12.39 -8.74 14.57
C ALA B 347 -11.80 -9.35 13.28
N GLN B 348 -10.91 -10.33 13.44
CA GLN B 348 -10.35 -11.03 12.28
C GLN B 348 -11.39 -11.88 11.53
N ASN B 349 -11.15 -12.06 10.24
CA ASN B 349 -11.87 -13.06 9.44
C ASN B 349 -10.93 -13.64 8.39
N THR B 350 -10.94 -14.95 8.22
CA THR B 350 -9.81 -15.55 7.51
C THR B 350 -10.22 -16.30 6.23
N GLU B 351 -9.97 -17.61 6.17
CA GLU B 351 -10.44 -18.41 5.03
C GLU B 351 -11.96 -18.32 4.95
N SER B 352 -12.51 -18.28 3.74
CA SER B 352 -13.95 -18.15 3.60
C SER B 352 -14.50 -18.90 2.41
N THR B 353 -15.82 -19.07 2.39
CA THR B 353 -16.46 -19.75 1.29
C THR B 353 -17.61 -18.86 0.83
N VAL B 354 -17.85 -18.85 -0.47
CA VAL B 354 -18.66 -17.81 -1.09
C VAL B 354 -19.87 -18.38 -1.86
N VAL B 355 -21.05 -17.80 -1.64
CA VAL B 355 -22.27 -18.28 -2.27
C VAL B 355 -23.07 -17.10 -2.82
N GLN B 356 -23.64 -17.21 -4.01
CA GLN B 356 -24.61 -16.20 -4.45
C GLN B 356 -26.06 -16.68 -4.28
N LEU B 357 -26.92 -15.81 -3.79
CA LEU B 357 -28.34 -16.10 -3.64
C LEU B 357 -29.08 -15.76 -4.92
N ASN B 358 -30.33 -16.22 -5.01
CA ASN B 358 -31.14 -15.95 -6.19
C ASN B 358 -31.43 -14.48 -6.39
N ASN B 359 -31.45 -13.73 -5.29
CA ASN B 359 -31.69 -12.29 -5.37
C ASN B 359 -30.45 -11.49 -5.76
N GLY B 360 -29.34 -12.18 -5.95
CA GLY B 360 -28.13 -11.54 -6.42
C GLY B 360 -27.11 -11.27 -5.33
N ASP B 361 -27.57 -11.26 -4.09
CA ASP B 361 -26.69 -11.01 -2.97
C ASP B 361 -25.63 -12.13 -2.88
N VAL B 362 -24.44 -11.76 -2.43
CA VAL B 362 -23.37 -12.72 -2.23
C VAL B 362 -23.10 -12.89 -0.74
N LYS B 363 -23.07 -14.13 -0.27
CA LYS B 363 -22.81 -14.42 1.13
C LYS B 363 -21.41 -15.00 1.32
N LEU B 364 -20.70 -14.50 2.32
CA LEU B 364 -19.35 -14.93 2.59
C LEU B 364 -19.24 -15.48 4.01
N PHE B 365 -19.08 -16.79 4.10
CA PHE B 365 -19.01 -17.45 5.40
C PHE B 365 -17.54 -17.55 5.76
N MET B 366 -17.16 -16.87 6.83
CA MET B 366 -15.75 -16.64 7.14
C MET B 366 -15.28 -17.34 8.42
N ARG B 367 -14.17 -18.06 8.31
CA ARG B 367 -13.52 -18.66 9.46
C ARG B 367 -13.11 -17.58 10.47
N GLY B 368 -13.40 -17.80 11.73
CA GLY B 368 -13.11 -16.78 12.72
C GLY B 368 -12.93 -17.26 14.14
N LEU B 369 -12.92 -16.30 15.06
CA LEU B 369 -12.56 -16.57 16.43
C LEU B 369 -13.70 -16.22 17.40
N THR B 370 -14.93 -16.24 16.92
CA THR B 370 -16.04 -15.94 17.81
C THR B 370 -16.62 -17.23 18.39
N GLY B 371 -16.18 -18.37 17.86
CA GLY B 371 -16.70 -19.65 18.29
C GLY B 371 -17.93 -20.06 17.51
N ASP B 372 -18.47 -19.15 16.71
CA ASP B 372 -19.65 -19.45 15.92
C ASP B 372 -19.59 -18.88 14.49
N LEU B 373 -20.60 -19.19 13.68
CA LEU B 373 -20.59 -18.88 12.24
C LEU B 373 -20.71 -17.39 11.89
N GLN B 374 -19.73 -16.87 11.14
CA GLN B 374 -19.74 -15.46 10.73
C GLN B 374 -20.05 -15.27 9.24
N VAL B 375 -21.01 -14.41 8.92
CA VAL B 375 -21.44 -14.25 7.54
C VAL B 375 -21.48 -12.79 7.11
N ALA B 376 -20.80 -12.49 6.02
CA ALA B 376 -20.83 -11.16 5.43
C ALA B 376 -21.73 -11.16 4.19
N THR B 377 -22.25 -9.99 3.83
CA THR B 377 -23.15 -9.86 2.69
C THR B 377 -22.66 -8.77 1.75
N SER B 378 -22.56 -9.10 0.45
CA SER B 378 -22.24 -8.09 -0.57
C SER B 378 -23.41 -7.91 -1.52
N LYS B 379 -23.67 -6.67 -1.91
CA LYS B 379 -24.78 -6.34 -2.79
C LYS B 379 -24.30 -5.90 -4.17
N ASP B 380 -22.98 -5.83 -4.34
CA ASP B 380 -22.40 -5.39 -5.60
C ASP B 380 -21.48 -6.45 -6.20
N GLY B 381 -21.82 -7.71 -5.96
CA GLY B 381 -21.10 -8.82 -6.56
C GLY B 381 -19.72 -9.07 -5.99
N GLY B 382 -19.55 -8.72 -4.71
CA GLY B 382 -18.34 -9.06 -3.96
C GLY B 382 -17.33 -7.92 -3.82
N VAL B 383 -17.63 -6.77 -4.39
CA VAL B 383 -16.68 -5.67 -4.30
C VAL B 383 -16.70 -5.05 -2.90
N THR B 384 -17.89 -4.77 -2.39
CA THR B 384 -17.98 -4.19 -1.04
C THR B 384 -18.92 -5.00 -0.16
N TRP B 385 -18.83 -4.77 1.14
CA TRP B 385 -19.59 -5.57 2.09
C TRP B 385 -20.40 -4.67 3.00
N GLU B 386 -21.64 -5.09 3.26
CA GLU B 386 -22.57 -4.37 4.11
C GLU B 386 -22.08 -4.27 5.55
N LYS B 387 -22.69 -3.37 6.31
CA LYS B 387 -22.16 -2.98 7.62
C LYS B 387 -22.15 -4.06 8.69
N ASP B 388 -23.13 -4.95 8.68
CA ASP B 388 -23.20 -5.91 9.78
C ASP B 388 -22.82 -7.31 9.37
N ILE B 389 -21.85 -7.86 10.09
CA ILE B 389 -21.47 -9.24 9.96
C ILE B 389 -22.40 -10.06 10.84
N LYS B 390 -23.20 -10.92 10.23
CA LYS B 390 -24.17 -11.71 10.98
C LYS B 390 -23.50 -12.93 11.62
N ARG B 391 -23.81 -13.19 12.89
CA ARG B 391 -23.33 -14.38 13.57
C ARG B 391 -24.44 -15.39 13.84
N TYR B 392 -24.14 -16.67 13.71
CA TYR B 392 -25.12 -17.70 14.02
C TYR B 392 -24.61 -18.70 15.05
N PRO B 393 -24.94 -18.50 16.33
CA PRO B 393 -24.46 -19.45 17.33
C PRO B 393 -25.02 -20.87 17.16
N GLN B 394 -26.00 -21.04 16.27
CA GLN B 394 -26.53 -22.36 15.95
C GLN B 394 -25.45 -23.22 15.31
N VAL B 395 -24.51 -22.56 14.65
CA VAL B 395 -23.43 -23.27 13.97
C VAL B 395 -22.11 -22.96 14.64
N LYS B 396 -21.47 -24.00 15.15
CA LYS B 396 -20.17 -23.86 15.79
C LYS B 396 -19.13 -23.59 14.71
N ASP B 397 -18.20 -22.70 15.02
CA ASP B 397 -16.97 -22.51 14.24
C ASP B 397 -15.79 -22.66 15.20
N VAL B 398 -15.06 -23.77 15.09
CA VAL B 398 -13.93 -23.98 16.02
C VAL B 398 -12.60 -23.45 15.48
N TYR B 399 -12.68 -22.50 14.55
CA TYR B 399 -11.54 -21.89 13.86
C TYR B 399 -10.90 -22.86 12.88
N VAL B 400 -11.61 -23.12 11.79
CA VAL B 400 -11.19 -24.09 10.81
C VAL B 400 -11.97 -23.80 9.54
N GLN B 401 -11.41 -24.14 8.40
CA GLN B 401 -12.03 -23.92 7.09
C GLN B 401 -13.43 -24.53 7.01
N MET B 402 -14.27 -23.96 6.14
CA MET B 402 -15.59 -24.52 5.88
C MET B 402 -15.91 -24.47 4.39
N SER B 403 -16.96 -25.18 3.96
CA SER B 403 -17.48 -24.96 2.61
C SER B 403 -19.00 -24.80 2.63
N ALA B 404 -19.51 -24.11 1.63
CA ALA B 404 -20.95 -23.88 1.53
C ALA B 404 -21.38 -23.77 0.09
N ILE B 405 -22.55 -24.33 -0.22
CA ILE B 405 -23.08 -24.22 -1.58
C ILE B 405 -24.57 -23.88 -1.62
N HIS B 406 -24.93 -23.16 -2.67
CA HIS B 406 -26.32 -22.90 -2.98
C HIS B 406 -26.94 -24.18 -3.52
N THR B 407 -28.21 -24.40 -3.18
CA THR B 407 -28.96 -25.49 -3.77
C THR B 407 -30.46 -25.18 -3.78
N MET B 408 -31.14 -25.67 -4.81
CA MET B 408 -32.58 -25.54 -4.90
C MET B 408 -33.19 -26.90 -4.59
N HIS B 409 -34.36 -26.90 -3.98
CA HIS B 409 -35.06 -28.15 -3.73
C HIS B 409 -36.55 -27.87 -3.63
N GLU B 410 -37.32 -28.53 -4.50
CA GLU B 410 -38.76 -28.38 -4.55
C GLU B 410 -39.24 -26.93 -4.54
N GLY B 411 -38.59 -26.11 -5.36
CA GLY B 411 -38.98 -24.72 -5.52
C GLY B 411 -38.36 -23.75 -4.53
N LYS B 412 -37.70 -24.28 -3.50
CA LYS B 412 -37.13 -23.41 -2.48
C LYS B 412 -35.61 -23.33 -2.51
N GLU B 413 -35.08 -22.26 -1.92
CA GLU B 413 -33.66 -21.98 -1.89
C GLU B 413 -33.02 -22.35 -0.56
N TYR B 414 -31.91 -23.10 -0.62
CA TYR B 414 -31.20 -23.54 0.57
C TYR B 414 -29.72 -23.29 0.46
N ILE B 415 -29.06 -23.27 1.61
CA ILE B 415 -27.61 -23.33 1.64
C ILE B 415 -27.17 -24.50 2.48
N ILE B 416 -26.27 -25.30 1.93
CA ILE B 416 -25.65 -26.40 2.65
C ILE B 416 -24.22 -25.99 3.02
N LEU B 417 -23.89 -26.13 4.30
CA LEU B 417 -22.60 -25.73 4.81
C LEU B 417 -22.03 -26.84 5.66
N SER B 418 -20.77 -27.19 5.40
CA SER B 418 -20.12 -28.23 6.16
C SER B 418 -18.88 -27.73 6.87
N ASN B 419 -18.71 -28.20 8.11
CA ASN B 419 -17.52 -27.95 8.94
C ASN B 419 -17.49 -28.81 10.19
N ALA B 420 -16.45 -28.63 11.00
CA ALA B 420 -16.33 -29.34 12.27
C ALA B 420 -17.41 -28.88 13.25
N GLY B 421 -18.00 -29.84 13.96
CA GLY B 421 -19.02 -29.56 14.95
C GLY B 421 -18.39 -29.28 16.28
N GLY B 422 -17.14 -29.71 16.42
CA GLY B 422 -16.38 -29.44 17.62
C GLY B 422 -16.47 -30.56 18.63
N PRO B 423 -15.88 -30.35 19.81
CA PRO B 423 -15.17 -29.13 20.24
C PRO B 423 -13.80 -28.88 19.57
N LYS B 424 -13.12 -29.95 19.13
CA LYS B 424 -11.91 -29.80 18.31
C LYS B 424 -12.25 -29.95 16.83
N ARG B 425 -11.23 -30.14 16.00
CA ARG B 425 -11.46 -30.43 14.61
C ARG B 425 -11.88 -31.89 14.49
N GLU B 426 -13.12 -32.14 14.89
CA GLU B 426 -13.66 -33.48 14.99
C GLU B 426 -15.16 -33.36 14.81
N ASN B 427 -15.85 -34.48 14.65
CA ASN B 427 -17.33 -34.49 14.61
C ASN B 427 -17.88 -33.64 13.45
N GLY B 428 -17.60 -34.09 12.23
CA GLY B 428 -18.03 -33.35 11.05
C GLY B 428 -19.51 -33.17 10.98
N MET B 429 -19.93 -32.00 10.52
CA MET B 429 -21.34 -31.67 10.40
C MET B 429 -21.65 -31.16 9.02
N VAL B 430 -22.85 -31.47 8.56
CA VAL B 430 -23.41 -30.83 7.39
C VAL B 430 -24.66 -30.06 7.80
N HIS B 431 -24.57 -28.73 7.83
CA HIS B 431 -25.69 -27.91 8.23
C HIS B 431 -26.54 -27.53 7.03
N LEU B 432 -27.84 -27.34 7.27
CA LEU B 432 -28.77 -26.94 6.23
C LEU B 432 -29.52 -25.70 6.65
N ALA B 433 -29.45 -24.66 5.83
CA ALA B 433 -30.18 -23.43 6.08
C ALA B 433 -31.17 -23.16 4.98
N ARG B 434 -32.33 -22.64 5.36
CA ARG B 434 -33.29 -22.16 4.38
C ARG B 434 -33.01 -20.69 4.13
N VAL B 435 -32.95 -20.31 2.86
CA VAL B 435 -32.81 -18.91 2.50
C VAL B 435 -34.17 -18.26 2.44
N GLU B 436 -34.48 -17.37 3.38
CA GLU B 436 -35.78 -16.71 3.37
C GLU B 436 -35.80 -15.56 2.35
N GLU B 437 -36.97 -15.02 2.10
CA GLU B 437 -37.17 -14.02 1.06
C GLU B 437 -36.33 -12.76 1.26
N ASN B 438 -36.19 -12.35 2.51
CA ASN B 438 -35.44 -11.15 2.86
C ASN B 438 -33.94 -11.39 2.76
N GLY B 439 -33.54 -12.63 2.51
CA GLY B 439 -32.13 -12.96 2.37
C GLY B 439 -31.51 -13.50 3.64
N GLU B 440 -32.35 -13.68 4.65
CA GLU B 440 -31.91 -14.22 5.92
C GLU B 440 -31.83 -15.73 5.85
N LEU B 441 -31.10 -16.33 6.78
CA LEU B 441 -30.91 -17.76 6.78
C LEU B 441 -31.58 -18.40 7.98
N THR B 442 -32.33 -19.48 7.74
CA THR B 442 -32.91 -20.25 8.82
C THR B 442 -32.28 -21.64 8.88
N TRP B 443 -31.57 -21.92 9.97
CA TRP B 443 -30.90 -23.21 10.11
C TRP B 443 -31.91 -24.28 10.55
N LEU B 444 -32.09 -25.29 9.71
CA LEU B 444 -33.13 -26.30 9.92
C LEU B 444 -32.53 -27.55 10.50
N LYS B 445 -31.36 -27.94 9.97
CA LYS B 445 -30.76 -29.19 10.33
C LYS B 445 -29.22 -29.11 10.53
N HIS B 446 -28.75 -29.90 11.48
CA HIS B 446 -27.33 -29.98 11.78
C HIS B 446 -26.97 -31.45 11.82
N ASN B 447 -26.53 -31.98 10.67
CA ASN B 447 -26.37 -33.41 10.48
C ASN B 447 -24.92 -33.90 10.62
N PRO B 448 -24.67 -34.76 11.60
CA PRO B 448 -23.33 -35.35 11.71
C PRO B 448 -23.03 -36.21 10.49
N ILE B 449 -21.81 -36.09 9.96
CA ILE B 449 -21.40 -36.87 8.80
C ILE B 449 -20.14 -37.68 9.06
N GLN B 450 -19.36 -37.29 10.06
CA GLN B 450 -18.10 -37.99 10.30
C GLN B 450 -17.64 -37.85 11.74
N LYS B 451 -17.76 -38.94 12.49
CA LYS B 451 -17.22 -38.95 13.84
C LYS B 451 -15.71 -39.01 13.76
N GLY B 452 -15.06 -38.62 14.84
CA GLY B 452 -13.61 -38.52 14.87
C GLY B 452 -13.15 -37.24 14.21
N GLU B 453 -11.87 -37.24 13.82
CA GLU B 453 -11.23 -36.07 13.24
C GLU B 453 -11.93 -35.62 11.96
N PHE B 454 -12.09 -34.31 11.84
CA PHE B 454 -12.73 -33.72 10.68
C PHE B 454 -12.26 -32.29 10.61
N ALA B 455 -11.74 -31.90 9.46
CA ALA B 455 -11.21 -30.55 9.33
C ALA B 455 -11.69 -29.86 8.06
N TYR B 456 -10.77 -29.65 7.12
CA TYR B 456 -11.11 -28.94 5.88
C TYR B 456 -11.98 -29.81 4.99
N ASN B 457 -12.87 -29.18 4.25
CA ASN B 457 -13.79 -29.92 3.40
C ASN B 457 -14.31 -29.08 2.24
N SER B 458 -14.85 -29.74 1.21
CA SER B 458 -15.36 -29.05 0.05
C SER B 458 -16.59 -29.76 -0.50
N LEU B 459 -17.68 -29.01 -0.65
CA LEU B 459 -18.99 -29.53 -1.11
C LEU B 459 -19.26 -29.23 -2.59
N GLN B 460 -19.99 -30.12 -3.25
CA GLN B 460 -20.52 -29.89 -4.61
C GLN B 460 -21.88 -30.54 -4.80
N GLU B 461 -22.77 -29.85 -5.51
CA GLU B 461 -24.00 -30.46 -6.00
C GLU B 461 -23.64 -31.47 -7.05
N LEU B 462 -24.23 -32.66 -6.96
CA LEU B 462 -23.97 -33.68 -7.97
C LEU B 462 -25.07 -33.77 -9.03
N GLY B 463 -26.25 -33.25 -8.69
CA GLY B 463 -27.41 -33.34 -9.55
C GLY B 463 -28.36 -34.39 -9.00
N ASN B 464 -29.64 -34.22 -9.30
CA ASN B 464 -30.68 -35.16 -8.89
C ASN B 464 -30.84 -35.36 -7.39
N GLY B 465 -30.71 -34.27 -6.64
CA GLY B 465 -30.81 -34.37 -5.20
C GLY B 465 -29.62 -35.04 -4.53
N GLU B 466 -28.54 -35.24 -5.28
CA GLU B 466 -27.31 -35.79 -4.71
C GLU B 466 -26.23 -34.72 -4.54
N TYR B 467 -25.35 -34.96 -3.57
CA TYR B 467 -24.32 -34.03 -3.20
C TYR B 467 -23.06 -34.79 -2.88
N GLY B 468 -21.91 -34.18 -3.14
CA GLY B 468 -20.63 -34.77 -2.82
C GLY B 468 -19.86 -33.92 -1.83
N ILE B 469 -19.02 -34.58 -1.04
CA ILE B 469 -18.14 -33.86 -0.13
C ILE B 469 -16.78 -34.56 -0.03
N LEU B 470 -15.73 -33.76 -0.17
CA LEU B 470 -14.38 -34.24 -0.01
C LEU B 470 -13.78 -33.60 1.24
N TYR B 471 -13.29 -34.41 2.17
CA TYR B 471 -12.94 -33.86 3.47
C TYR B 471 -11.77 -34.54 4.16
N GLU B 472 -11.14 -33.79 5.07
CA GLU B 472 -10.03 -34.29 5.86
C GLU B 472 -10.51 -35.11 7.05
N HIS B 473 -9.86 -36.27 7.26
CA HIS B 473 -10.19 -37.19 8.36
C HIS B 473 -9.03 -38.19 8.52
N THR B 474 -8.84 -38.70 9.75
CA THR B 474 -7.86 -39.76 9.99
C THR B 474 -8.48 -40.88 10.80
N GLU B 475 -8.07 -42.10 10.49
CA GLU B 475 -8.35 -43.27 11.33
C GLU B 475 -7.14 -44.18 11.29
N LYS B 476 -7.06 -45.11 12.23
CA LYS B 476 -6.06 -46.19 12.16
C LYS B 476 -4.62 -45.68 12.09
N GLY B 477 -4.33 -44.60 12.82
CA GLY B 477 -2.98 -44.06 12.87
C GLY B 477 -2.56 -43.26 11.65
N GLN B 478 -3.50 -42.97 10.76
CA GLN B 478 -3.22 -42.14 9.58
C GLN B 478 -2.63 -40.76 9.93
N ASN B 479 -1.62 -40.34 9.15
CA ASN B 479 -1.08 -39.00 9.28
C ASN B 479 -2.11 -37.98 8.83
N ALA B 480 -2.05 -36.78 9.41
CA ALA B 480 -2.99 -35.75 9.01
C ALA B 480 -2.67 -35.22 7.61
N TYR B 481 -3.61 -35.35 6.66
CA TYR B 481 -4.88 -36.08 6.78
C TYR B 481 -4.99 -37.06 5.62
N THR B 482 -6.02 -37.89 5.66
CA THR B 482 -6.42 -38.64 4.47
C THR B 482 -7.64 -37.94 3.90
N LEU B 483 -7.66 -37.74 2.59
CA LEU B 483 -8.77 -36.99 1.99
C LEU B 483 -9.79 -37.98 1.47
N SER B 484 -10.98 -37.99 2.05
CA SER B 484 -12.00 -38.97 1.69
C SER B 484 -13.22 -38.31 1.04
N PHE B 485 -14.00 -39.11 0.33
CA PHE B 485 -15.15 -38.63 -0.41
C PHE B 485 -16.41 -39.39 -0.02
N ARG B 486 -17.52 -38.67 0.11
CA ARG B 486 -18.81 -39.28 0.41
C ARG B 486 -19.88 -38.63 -0.45
N LYS B 487 -20.96 -39.36 -0.68
CA LYS B 487 -22.15 -38.83 -1.34
C LYS B 487 -23.32 -38.85 -0.37
N PHE B 488 -24.22 -37.89 -0.50
CA PHE B 488 -25.44 -37.90 0.30
C PHE B 488 -26.59 -37.22 -0.45
N ASN B 489 -27.80 -37.47 0.04
CA ASN B 489 -29.01 -36.91 -0.57
C ASN B 489 -29.89 -36.16 0.41
N TRP B 490 -31.09 -35.79 -0.05
CA TRP B 490 -32.06 -35.06 0.77
C TRP B 490 -32.68 -35.80 1.94
N GLU B 491 -32.64 -37.12 1.90
CA GLU B 491 -33.09 -37.87 3.07
C GLU B 491 -32.05 -37.71 4.18
N PHE B 492 -30.81 -37.43 3.80
CA PHE B 492 -29.77 -37.20 4.78
C PHE B 492 -29.83 -35.79 5.35
N LEU B 493 -30.13 -34.83 4.49
CA LEU B 493 -30.17 -33.42 4.90
C LEU B 493 -31.37 -33.18 5.81
N SER B 494 -32.40 -34.00 5.64
CA SER B 494 -33.67 -33.95 6.39
C SER B 494 -33.95 -35.30 7.06
N LYS B 495 -32.89 -35.88 7.63
CA LYS B 495 -32.91 -37.20 8.29
C LYS B 495 -34.06 -37.37 9.30
C1 6UD C . 9.20 21.78 12.93
C2 6UD C . 8.19 21.36 12.03
C3 6UD C . 7.51 22.26 11.22
C4 6UD C . 6.55 21.77 10.30
C5 6UD C . 5.97 20.45 10.75
C6 6UD C . 7.15 19.52 10.95
C7 6UD C . 6.67 18.12 11.31
C8 6UD C . 7.86 17.24 11.77
C9 6UD C . 7.36 15.89 12.30
C10 6UD C . 3.95 19.29 9.90
C11 6UD C . 3.15 18.92 8.64
N5 6UD C . 5.10 19.96 9.67
O1A 6UD C . 9.82 20.93 13.62
O1B 6UD C . 9.49 22.98 13.03
O4 6UD C . 5.50 22.69 10.04
O6 6UD C . 7.94 20.01 12.02
O7 6UD C . 5.68 18.25 12.35
O8 6UD C . 8.76 17.04 10.69
O10 6UD C . 3.54 18.98 11.02
N1 6UD C . 8.46 15.15 12.97
N2 6UD C . 8.43 15.32 14.25
N3 6UD C . 9.58 15.53 14.74
CL CL D . -20.14 19.95 7.49
CL CL E . 20.26 -20.51 -5.92
C1 6UD F . -4.97 -24.60 9.20
C2 6UD F . -4.42 -23.93 8.08
C3 6UD F . -4.14 -24.59 6.88
C4 6UD F . -3.62 -23.90 5.77
C5 6UD F . -2.84 -22.69 6.23
C6 6UD F . -3.80 -21.85 7.08
C7 6UD F . -3.11 -20.59 7.59
C8 6UD F . -3.96 -19.87 8.63
C9 6UD F . -3.29 -18.56 8.99
C10 6UD F . -1.19 -21.30 5.00
C11 6UD F . -0.90 -20.58 3.68
N5 6UD F . -2.36 -21.96 5.05
O1A 6UD F . -5.22 -25.82 9.13
O1B 6UD F . -5.21 -23.97 10.28
O4 6UD F . -2.83 -24.74 4.93
O6 6UD F . -4.17 -22.60 8.24
O7 6UD F . -1.89 -21.00 8.21
O8 6UD F . -5.31 -19.60 8.20
O10 6UD F . -0.38 -21.25 5.93
N1 6UD F . -3.11 -18.48 10.46
N2 6UD F . -4.21 -18.84 11.05
N3 6UD F . -4.40 -18.20 12.17
#